data_6NXG
#
_entry.id   6NXG
#
_cell.length_a   57.420
_cell.length_b   119.030
_cell.length_c   175.350
_cell.angle_alpha   90.00
_cell.angle_beta   90.00
_cell.angle_gamma   90.00
#
_symmetry.space_group_name_H-M   'P 21 21 21'
#
loop_
_entity.id
_entity.type
_entity.pdbx_description
1 polymer 'Glycylpeptide N-tetradecanoyltransferase'
2 non-polymer 'MAGNESIUM ION'
3 non-polymer 'CHLORIDE ION'
4 non-polymer 'OXAMIC ACID'
5 non-polymer 5-(4-chlorophenyl)-3-({[3-(morpholine-4-carbonyl)phenyl]amino}methyl)pyridin-2(1H)-one
6 non-polymer TETRADECANOYL-COA
7 non-polymer BETA-MERCAPTOETHANOL
8 non-polymer 1,2-ETHANEDIOL
9 water water
#
_entity_poly.entity_id   1
_entity_poly.type   'polypeptide(L)'
_entity_poly.pdbx_seq_one_letter_code
;MGSSHHHHHHSAALEVLFQGPDYKFWYTQPVPKINDEFNESVNEPFISDNKVEDVRKDEYKLPPGYSWYVCDVKDEKDRS
EIYTLLTDNYVEDDDNIFRFNYSAEFLLWALTSPNYLKTWHIGVKYDASNKLIGFISAIPTDICIHKRTIKMAEVNFLCV
HKTLRSKRLAPVLIKEITRRINLENIWQAIYTAGVYLPKPVSDARYYHRSINVKKLIEIGFSSLNSRLTMSRAIKLYRVE
DTLNIKNMRLMKKKDVEGVHKLLGSYLEQFNLYAVFTKEEIAHWFLPIENVIYTYVNEENGKIKDMISFYSLPSQILGND
KYSTLNAAYSFYNVTTTATFKQLMQDAILLAKRNNFDVFNALEVMQNKSVFEDLKFGEGDGSLKYYLYNWKCASFAPAHV
GIVLL
;
_entity_poly.pdbx_strand_id   A,B,C
#
# COMPACT_ATOMS: atom_id res chain seq x y z
N PRO A 21 27.15 19.92 24.29
CA PRO A 21 27.90 18.69 23.96
C PRO A 21 28.86 18.92 22.77
N ASP A 22 30.13 18.53 22.93
CA ASP A 22 31.21 18.78 21.93
C ASP A 22 31.33 17.59 20.97
N TYR A 23 30.84 16.41 21.38
CA TYR A 23 30.95 15.12 20.63
C TYR A 23 32.38 14.93 20.12
N LYS A 24 33.37 15.01 21.01
CA LYS A 24 34.80 14.94 20.64
C LYS A 24 35.13 13.60 20.00
N PHE A 25 34.50 12.50 20.44
CA PHE A 25 34.65 11.18 19.78
C PHE A 25 33.75 11.14 18.54
N TRP A 26 32.45 11.39 18.70
CA TRP A 26 31.49 11.14 17.60
C TRP A 26 31.82 12.00 16.37
N TYR A 27 32.34 13.21 16.53
CA TYR A 27 32.65 14.08 15.36
C TYR A 27 33.89 13.59 14.59
N THR A 28 34.64 12.58 15.07
CA THR A 28 35.72 11.92 14.30
C THR A 28 35.16 10.80 13.41
N GLN A 29 33.89 10.43 13.57
CA GLN A 29 33.27 9.23 12.94
C GLN A 29 32.48 9.65 11.70
N PRO A 30 32.30 8.72 10.73
CA PRO A 30 31.44 8.98 9.56
C PRO A 30 29.95 8.92 9.91
N VAL A 31 29.50 9.93 10.66
CA VAL A 31 28.07 10.12 11.02
C VAL A 31 27.76 11.60 10.80
N PRO A 32 26.47 11.99 10.70
CA PRO A 32 26.13 13.38 10.46
C PRO A 32 26.49 14.26 11.67
N LYS A 33 26.89 15.51 11.41
CA LYS A 33 26.93 16.54 12.48
C LYS A 33 25.47 16.84 12.90
N ILE A 34 25.26 17.41 14.09
CA ILE A 34 23.88 17.66 14.63
C ILE A 34 23.09 18.55 13.66
N ASN A 35 23.73 19.49 12.98
CA ASN A 35 22.99 20.44 12.10
C ASN A 35 23.17 20.02 10.64
N ASP A 36 23.48 18.75 10.38
CA ASP A 36 23.46 18.17 9.01
C ASP A 36 22.01 17.82 8.67
N GLU A 37 21.57 18.23 7.49
CA GLU A 37 20.22 17.99 6.93
C GLU A 37 20.37 17.52 5.49
N PHE A 38 20.09 16.25 5.23
CA PHE A 38 20.14 15.68 3.86
C PHE A 38 18.71 15.47 3.36
N ASN A 39 18.49 15.75 2.10
CA ASN A 39 17.18 15.54 1.46
C ASN A 39 17.15 14.14 0.83
N GLU A 40 15.99 13.74 0.30
CA GLU A 40 15.75 12.35 -0.14
C GLU A 40 16.53 12.05 -1.43
N SER A 41 17.18 13.04 -2.05
CA SER A 41 18.05 12.81 -3.23
C SER A 41 19.38 12.17 -2.79
N VAL A 42 19.68 12.18 -1.48
CA VAL A 42 20.95 11.67 -0.90
C VAL A 42 20.65 10.40 -0.12
N ASN A 43 21.28 9.29 -0.50
CA ASN A 43 21.08 8.00 0.18
C ASN A 43 22.31 7.15 -0.13
N GLU A 44 23.39 7.38 0.61
CA GLU A 44 24.71 6.82 0.25
CA GLU A 44 24.71 6.81 0.26
C GLU A 44 25.65 6.90 1.45
N PRO A 45 26.79 6.19 1.42
CA PRO A 45 27.77 6.28 2.50
C PRO A 45 28.38 7.67 2.63
N PHE A 46 28.90 7.99 3.80
CA PHE A 46 29.83 9.13 3.96
C PHE A 46 31.16 8.76 3.28
N ILE A 47 31.60 7.52 3.49
CA ILE A 47 32.91 7.02 2.98
C ILE A 47 32.66 5.76 2.16
N SER A 48 32.96 5.82 0.86
CA SER A 48 32.75 4.71 -0.10
CA SER A 48 32.75 4.71 -0.10
C SER A 48 34.11 4.17 -0.57
N ASP A 49 34.10 3.09 -1.34
CA ASP A 49 35.31 2.52 -1.98
C ASP A 49 36.27 2.04 -0.88
N ASN A 50 35.71 1.51 0.21
CA ASN A 50 36.49 0.96 1.34
C ASN A 50 37.15 -0.36 0.93
N LYS A 51 38.32 -0.66 1.48
CA LYS A 51 39.09 -1.89 1.14
C LYS A 51 39.38 -2.66 2.42
N VAL A 52 38.96 -3.92 2.51
CA VAL A 52 39.32 -4.84 3.62
C VAL A 52 40.84 -4.82 3.80
N GLU A 53 41.61 -4.78 2.71
CA GLU A 53 43.08 -4.81 2.78
C GLU A 53 43.60 -3.70 3.69
N ASP A 54 42.93 -2.55 3.74
CA ASP A 54 43.44 -1.32 4.42
C ASP A 54 42.95 -1.27 5.87
N VAL A 55 42.07 -2.18 6.29
CA VAL A 55 41.55 -2.20 7.69
C VAL A 55 42.70 -2.56 8.63
N ARG A 56 42.77 -1.89 9.78
CA ARG A 56 43.78 -2.18 10.82
C ARG A 56 43.67 -3.65 11.25
N LYS A 57 44.79 -4.37 11.31
CA LYS A 57 44.80 -5.79 11.74
C LYS A 57 45.22 -5.89 13.22
N ASP A 58 45.60 -4.78 13.84
CA ASP A 58 45.96 -4.75 15.28
C ASP A 58 44.73 -4.42 16.12
N GLU A 59 44.56 -5.12 17.24
CA GLU A 59 43.49 -4.77 18.20
C GLU A 59 43.75 -3.38 18.78
N TYR A 60 42.69 -2.60 19.05
CA TYR A 60 42.81 -1.27 19.70
C TYR A 60 43.47 -1.45 21.07
N LYS A 61 44.28 -0.46 21.49
CA LYS A 61 44.97 -0.55 22.80
C LYS A 61 43.97 -0.26 23.93
N LEU A 62 44.02 -1.09 24.97
CA LEU A 62 43.26 -0.88 26.23
C LEU A 62 44.20 -0.30 27.28
N PRO A 63 43.64 0.31 28.34
CA PRO A 63 44.47 0.82 29.41
C PRO A 63 45.22 -0.33 30.08
N PRO A 64 46.38 -0.08 30.74
CA PRO A 64 47.12 -1.17 31.36
C PRO A 64 46.24 -1.95 32.36
N GLY A 65 46.38 -3.28 32.37
CA GLY A 65 45.66 -4.17 33.30
C GLY A 65 44.38 -4.74 32.72
N TYR A 66 44.01 -4.35 31.50
CA TYR A 66 42.77 -4.79 30.81
C TYR A 66 43.10 -5.53 29.52
N SER A 67 42.29 -6.53 29.16
CA SER A 67 42.51 -7.37 27.95
C SER A 67 41.21 -7.60 27.17
N TRP A 68 41.32 -7.73 25.86
CA TRP A 68 40.20 -8.21 25.01
C TRP A 68 39.91 -9.66 25.36
N TYR A 69 38.64 -10.02 25.34
CA TYR A 69 38.20 -11.43 25.50
C TYR A 69 37.15 -11.71 24.44
N VAL A 70 37.35 -12.72 23.59
CA VAL A 70 36.25 -13.14 22.66
C VAL A 70 35.32 -14.05 23.47
N CYS A 71 34.08 -13.62 23.60
CA CYS A 71 33.05 -14.34 24.34
C CYS A 71 32.47 -15.41 23.43
N ASP A 72 32.31 -16.62 23.96
CA ASP A 72 31.55 -17.70 23.28
C ASP A 72 30.16 -17.75 23.92
N VAL A 73 29.18 -17.10 23.30
CA VAL A 73 27.81 -16.97 23.87
C VAL A 73 27.15 -18.35 23.95
N LYS A 74 27.61 -19.34 23.17
CA LYS A 74 27.08 -20.72 23.22
C LYS A 74 27.65 -21.49 24.41
N ASP A 75 28.73 -20.99 25.02
CA ASP A 75 29.31 -21.57 26.25
C ASP A 75 28.52 -21.04 27.45
N GLU A 76 27.91 -21.90 28.25
CA GLU A 76 27.00 -21.43 29.34
C GLU A 76 27.76 -20.46 30.25
N LYS A 77 29.02 -20.74 30.54
CA LYS A 77 29.75 -19.92 31.52
C LYS A 77 30.14 -18.56 30.94
N ASP A 78 30.62 -18.50 29.70
CA ASP A 78 30.88 -17.18 29.06
C ASP A 78 29.57 -16.38 29.01
N ARG A 79 28.47 -17.02 28.63
CA ARG A 79 27.15 -16.37 28.51
C ARG A 79 26.73 -15.85 29.90
N SER A 80 26.98 -16.62 30.96
CA SER A 80 26.65 -16.22 32.36
CA SER A 80 26.61 -16.20 32.33
C SER A 80 27.45 -14.97 32.73
N GLU A 81 28.70 -14.86 32.26
CA GLU A 81 29.54 -13.66 32.58
C GLU A 81 28.95 -12.42 31.90
N ILE A 82 28.54 -12.54 30.63
CA ILE A 82 27.84 -11.42 29.95
C ILE A 82 26.55 -11.11 30.74
N TYR A 83 25.77 -12.14 31.05
CA TYR A 83 24.51 -11.96 31.80
C TYR A 83 24.76 -11.12 33.07
N THR A 84 25.78 -11.47 33.85
CA THR A 84 26.07 -10.82 35.14
C THR A 84 26.46 -9.36 34.87
N LEU A 85 27.33 -9.14 33.89
CA LEU A 85 27.77 -7.75 33.57
C LEU A 85 26.53 -6.91 33.26
N LEU A 86 25.66 -7.38 32.37
CA LEU A 86 24.47 -6.60 31.95
C LEU A 86 23.49 -6.44 33.11
N THR A 87 23.24 -7.51 33.88
CA THR A 87 22.31 -7.47 35.03
C THR A 87 22.71 -6.32 35.97
N ASP A 88 24.01 -6.18 36.24
CA ASP A 88 24.51 -5.20 37.24
C ASP A 88 24.73 -3.82 36.62
N ASN A 89 24.95 -3.72 35.31
CA ASN A 89 25.55 -2.48 34.74
C ASN A 89 24.87 -1.99 33.46
N TYR A 90 23.80 -2.61 32.97
CA TYR A 90 23.21 -2.20 31.67
C TYR A 90 22.19 -1.08 31.90
N VAL A 91 21.29 -0.90 30.94
CA VAL A 91 20.41 0.29 30.79
C VAL A 91 19.50 0.47 32.00
N GLU A 92 19.49 1.68 32.55
CA GLU A 92 18.50 2.13 33.55
C GLU A 92 17.67 3.27 32.95
N ASP A 93 16.47 3.47 33.46
CA ASP A 93 15.69 4.68 33.10
C ASP A 93 16.41 5.90 33.69
N ASP A 94 16.08 7.12 33.27
CA ASP A 94 16.81 8.35 33.68
C ASP A 94 16.67 8.56 35.20
N ASP A 95 15.66 7.95 35.82
CA ASP A 95 15.37 8.12 37.27
C ASP A 95 15.88 6.92 38.09
N ASN A 96 16.52 5.93 37.47
CA ASN A 96 17.24 4.85 38.18
C ASN A 96 16.25 4.06 39.03
N ILE A 97 15.07 3.79 38.48
CA ILE A 97 13.97 2.96 39.06
C ILE A 97 14.12 1.50 38.58
N PHE A 98 14.46 1.34 37.31
CA PHE A 98 14.54 0.03 36.62
C PHE A 98 15.93 -0.16 36.02
N ARG A 99 16.38 -1.40 35.94
CA ARG A 99 17.55 -1.78 35.09
CA ARG A 99 17.54 -1.79 35.09
C ARG A 99 17.13 -2.97 34.23
N PHE A 100 17.33 -2.87 32.92
CA PHE A 100 17.06 -4.00 32.00
C PHE A 100 17.77 -5.23 32.54
N ASN A 101 17.10 -6.38 32.47
CA ASN A 101 17.58 -7.69 32.97
C ASN A 101 17.32 -8.75 31.89
N TYR A 102 17.94 -8.59 30.72
CA TYR A 102 17.93 -9.63 29.66
C TYR A 102 18.35 -10.98 30.26
N SER A 103 17.60 -12.05 29.98
CA SER A 103 17.93 -13.39 30.52
C SER A 103 19.11 -13.98 29.73
N ALA A 104 19.78 -14.95 30.33
CA ALA A 104 20.89 -15.65 29.63
C ALA A 104 20.34 -16.32 28.36
N GLU A 105 19.14 -16.92 28.41
CA GLU A 105 18.53 -17.59 27.24
CA GLU A 105 18.54 -17.60 27.22
C GLU A 105 18.23 -16.54 26.16
N PHE A 106 17.79 -15.34 26.56
CA PHE A 106 17.52 -14.22 25.62
C PHE A 106 18.82 -13.86 24.90
N LEU A 107 19.90 -13.66 25.65
CA LEU A 107 21.20 -13.27 25.05
C LEU A 107 21.65 -14.33 24.04
N LEU A 108 21.45 -15.60 24.32
CA LEU A 108 21.80 -16.68 23.34
C LEU A 108 21.03 -16.44 22.03
N TRP A 109 19.73 -16.24 22.11
CA TRP A 109 18.85 -15.96 20.93
C TRP A 109 19.31 -14.70 20.19
N ALA A 110 19.55 -13.63 20.92
CA ALA A 110 19.80 -12.29 20.35
C ALA A 110 21.12 -12.29 19.58
N LEU A 111 22.07 -13.14 19.97
CA LEU A 111 23.46 -13.03 19.46
C LEU A 111 23.84 -14.17 18.52
N THR A 112 23.01 -15.21 18.32
CA THR A 112 23.38 -16.39 17.50
C THR A 112 22.44 -16.54 16.29
N SER A 113 22.00 -15.40 15.75
CA SER A 113 21.17 -15.34 14.52
C SER A 113 21.99 -15.82 13.32
N PRO A 114 21.34 -16.13 12.18
CA PRO A 114 22.04 -16.72 11.04
C PRO A 114 23.31 -15.95 10.62
N ASN A 115 24.38 -16.70 10.40
CA ASN A 115 25.68 -16.19 9.92
C ASN A 115 26.32 -15.24 10.95
N TYR A 116 25.92 -15.32 12.21
CA TYR A 116 26.56 -14.48 13.25
C TYR A 116 28.05 -14.81 13.31
N LEU A 117 28.84 -13.82 13.75
CA LEU A 117 30.29 -14.01 14.05
C LEU A 117 30.54 -13.99 15.55
N LYS A 118 31.15 -15.05 16.07
CA LYS A 118 31.64 -15.11 17.46
C LYS A 118 32.55 -13.91 17.76
N THR A 119 33.37 -13.54 16.79
CA THR A 119 34.41 -12.48 16.95
C THR A 119 33.79 -11.09 16.96
N TRP A 120 32.47 -10.94 16.78
CA TRP A 120 31.73 -9.67 17.01
C TRP A 120 31.08 -9.66 18.39
N HIS A 121 31.40 -10.60 19.27
CA HIS A 121 30.92 -10.65 20.66
C HIS A 121 32.12 -10.36 21.57
N ILE A 122 32.38 -9.07 21.83
CA ILE A 122 33.70 -8.60 22.33
CA ILE A 122 33.68 -8.53 22.33
C ILE A 122 33.57 -8.19 23.81
N GLY A 123 34.37 -8.83 24.65
CA GLY A 123 34.47 -8.50 26.07
C GLY A 123 35.77 -7.82 26.38
N VAL A 124 35.80 -7.10 27.51
CA VAL A 124 37.05 -6.59 28.11
C VAL A 124 37.12 -7.16 29.53
N LYS A 125 38.23 -7.82 29.87
CA LYS A 125 38.43 -8.32 31.25
C LYS A 125 39.43 -7.44 31.98
N TYR A 126 39.21 -7.29 33.29
CA TYR A 126 40.21 -6.76 34.25
C TYR A 126 41.12 -7.92 34.61
N ASP A 127 42.40 -7.87 34.21
CA ASP A 127 43.33 -9.03 34.28
C ASP A 127 43.45 -9.52 35.72
N ALA A 128 43.56 -8.61 36.69
CA ALA A 128 43.89 -8.95 38.09
C ALA A 128 42.82 -9.87 38.69
N SER A 129 41.56 -9.70 38.29
CA SER A 129 40.39 -10.43 38.86
C SER A 129 39.85 -11.44 37.85
N ASN A 130 40.22 -11.30 36.57
CA ASN A 130 39.70 -12.12 35.46
C ASN A 130 38.20 -11.87 35.28
N LYS A 131 37.72 -10.69 35.65
CA LYS A 131 36.29 -10.35 35.58
C LYS A 131 36.01 -9.52 34.32
N LEU A 132 34.88 -9.82 33.71
CA LEU A 132 34.36 -9.05 32.57
C LEU A 132 33.88 -7.69 33.09
N ILE A 133 34.41 -6.60 32.53
CA ILE A 133 34.01 -5.21 32.93
C ILE A 133 33.48 -4.44 31.72
N GLY A 134 33.51 -5.02 30.52
CA GLY A 134 33.04 -4.30 29.32
C GLY A 134 32.56 -5.28 28.27
N PHE A 135 31.64 -4.85 27.44
CA PHE A 135 31.06 -5.68 26.36
C PHE A 135 30.49 -4.80 25.26
N ILE A 136 30.52 -5.32 24.04
CA ILE A 136 29.79 -4.77 22.87
C ILE A 136 29.57 -5.92 21.91
N SER A 137 28.49 -5.86 21.15
CA SER A 137 28.14 -6.96 20.23
C SER A 137 27.59 -6.40 18.92
N ALA A 138 27.62 -7.24 17.91
CA ALA A 138 26.94 -6.98 16.63
C ALA A 138 26.52 -8.31 16.02
N ILE A 139 25.47 -8.28 15.22
CA ILE A 139 25.07 -9.40 14.34
C ILE A 139 24.84 -8.84 12.94
N PRO A 140 25.07 -9.65 11.90
CA PRO A 140 24.88 -9.20 10.52
C PRO A 140 23.42 -9.31 10.05
N THR A 141 22.97 -8.34 9.26
CA THR A 141 21.62 -8.35 8.68
C THR A 141 21.58 -7.45 7.46
N ASP A 142 20.71 -7.76 6.51
CA ASP A 142 20.46 -6.88 5.35
C ASP A 142 19.46 -5.81 5.81
N ILE A 143 19.82 -4.54 5.66
CA ILE A 143 18.95 -3.40 6.05
C ILE A 143 18.58 -2.62 4.79
N CYS A 144 17.30 -2.36 4.61
CA CYS A 144 16.76 -1.55 3.50
C CYS A 144 16.47 -0.15 4.04
N ILE A 145 17.25 0.83 3.59
CA ILE A 145 17.14 2.26 3.98
C ILE A 145 16.73 3.04 2.72
N HIS A 146 15.56 3.65 2.73
CA HIS A 146 15.01 4.40 1.58
C HIS A 146 15.17 3.55 0.31
N LYS A 147 14.78 2.27 0.38
CA LYS A 147 14.66 1.35 -0.78
C LYS A 147 16.03 0.80 -1.22
N ARG A 148 17.13 1.15 -0.57
CA ARG A 148 18.48 0.59 -0.88
CA ARG A 148 18.46 0.58 -0.90
C ARG A 148 18.82 -0.46 0.17
N THR A 149 19.11 -1.68 -0.27
CA THR A 149 19.42 -2.79 0.67
C THR A 149 20.93 -2.92 0.82
N ILE A 150 21.41 -2.81 2.06
CA ILE A 150 22.85 -2.78 2.41
C ILE A 150 23.11 -3.84 3.47
N LYS A 151 24.19 -4.61 3.31
CA LYS A 151 24.65 -5.51 4.38
C LYS A 151 25.17 -4.66 5.54
N MET A 152 24.59 -4.81 6.73
CA MET A 152 24.97 -3.99 7.89
C MET A 152 25.27 -4.87 9.10
N ALA A 153 25.95 -4.28 10.07
CA ALA A 153 26.03 -4.80 11.44
C ALA A 153 24.95 -4.11 12.29
N GLU A 154 24.23 -4.89 13.09
CA GLU A 154 23.28 -4.38 14.10
C GLU A 154 24.00 -4.44 15.45
N VAL A 155 24.33 -3.28 16.01
CA VAL A 155 25.17 -3.19 17.24
C VAL A 155 24.25 -3.05 18.45
N ASN A 156 24.59 -3.74 19.54
CA ASN A 156 23.76 -3.73 20.76
C ASN A 156 24.60 -4.17 21.96
N PHE A 157 24.07 -3.94 23.15
CA PHE A 157 24.62 -4.47 24.41
C PHE A 157 25.98 -3.82 24.71
N LEU A 158 26.21 -2.59 24.25
CA LEU A 158 27.40 -1.82 24.70
C LEU A 158 27.24 -1.56 26.20
N CYS A 159 28.25 -1.94 26.98
CA CYS A 159 28.14 -1.85 28.46
C CYS A 159 29.53 -1.71 29.07
N VAL A 160 29.68 -0.72 29.93
CA VAL A 160 30.90 -0.51 30.76
C VAL A 160 30.48 -0.60 32.22
N HIS A 161 31.22 -1.37 32.99
CA HIS A 161 30.98 -1.53 34.45
C HIS A 161 30.77 -0.16 35.08
N LYS A 162 29.84 -0.04 36.01
CA LYS A 162 29.53 1.25 36.69
C LYS A 162 30.77 1.83 37.39
N THR A 163 31.71 1.00 37.82
CA THR A 163 32.94 1.49 38.52
C THR A 163 33.92 2.12 37.55
N LEU A 164 33.73 1.99 36.23
CA LEU A 164 34.73 2.47 35.22
C LEU A 164 34.09 3.43 34.23
N ARG A 165 33.03 4.14 34.64
CA ARG A 165 32.28 5.07 33.77
C ARG A 165 33.08 6.36 33.56
N SER A 166 32.88 6.98 32.39
CA SER A 166 33.46 8.30 32.01
C SER A 166 34.99 8.20 31.93
N LYS A 167 35.54 7.04 31.56
CA LYS A 167 37.00 6.83 31.36
C LYS A 167 37.33 6.63 29.87
N ARG A 168 36.38 6.95 29.00
CA ARG A 168 36.55 6.84 27.52
C ARG A 168 36.82 5.38 27.14
N LEU A 169 36.29 4.39 27.86
CA LEU A 169 36.34 2.98 27.40
CA LEU A 169 36.34 2.96 27.41
C LEU A 169 35.34 2.76 26.26
N ALA A 170 34.19 3.43 26.27
CA ALA A 170 33.15 3.16 25.25
C ALA A 170 33.68 3.40 23.83
N PRO A 171 34.39 4.52 23.54
CA PRO A 171 34.98 4.69 22.21
C PRO A 171 35.97 3.59 21.83
N VAL A 172 36.69 3.01 22.79
CA VAL A 172 37.61 1.87 22.46
C VAL A 172 36.76 0.67 22.00
N LEU A 173 35.72 0.34 22.74
CA LEU A 173 34.80 -0.76 22.36
C LEU A 173 34.18 -0.47 20.98
N ILE A 174 33.74 0.76 20.72
CA ILE A 174 33.11 1.10 19.42
C ILE A 174 34.15 0.99 18.29
N LYS A 175 35.35 1.55 18.47
CA LYS A 175 36.40 1.45 17.42
C LYS A 175 36.79 0.00 17.16
N GLU A 176 36.90 -0.82 18.20
CA GLU A 176 37.34 -2.24 18.01
C GLU A 176 36.24 -3.02 17.27
N ILE A 177 34.96 -2.83 17.62
CA ILE A 177 33.92 -3.61 16.89
C ILE A 177 33.82 -3.09 15.45
N THR A 178 33.99 -1.79 15.23
CA THR A 178 33.98 -1.22 13.87
C THR A 178 35.08 -1.90 13.05
N ARG A 179 36.28 -2.02 13.60
CA ARG A 179 37.43 -2.68 12.92
C ARG A 179 37.05 -4.11 12.54
N ARG A 180 36.49 -4.85 13.48
CA ARG A 180 36.16 -6.28 13.22
C ARG A 180 35.04 -6.39 12.20
N ILE A 181 34.07 -5.50 12.23
CA ILE A 181 32.96 -5.54 11.22
C ILE A 181 33.56 -5.22 9.84
N ASN A 182 34.46 -4.24 9.76
CA ASN A 182 35.09 -3.83 8.49
C ASN A 182 35.92 -5.00 7.91
N LEU A 183 36.50 -5.87 8.74
CA LEU A 183 37.31 -7.03 8.26
C LEU A 183 36.41 -7.97 7.45
N GLU A 184 35.09 -7.91 7.64
CA GLU A 184 34.11 -8.75 6.90
C GLU A 184 33.57 -8.02 5.68
N ASN A 185 34.18 -6.90 5.27
CA ASN A 185 33.75 -6.11 4.10
C ASN A 185 32.34 -5.56 4.35
N ILE A 186 32.06 -5.15 5.59
CA ILE A 186 30.78 -4.50 6.00
C ILE A 186 31.14 -3.12 6.54
N TRP A 187 30.47 -2.07 6.03
CA TRP A 187 30.92 -0.67 6.20
C TRP A 187 29.83 0.22 6.78
N GLN A 188 28.66 -0.35 7.04
CA GLN A 188 27.50 0.37 7.63
C GLN A 188 27.02 -0.39 8.86
N ALA A 189 26.39 0.32 9.79
CA ALA A 189 25.75 -0.31 10.97
C ALA A 189 24.43 0.40 11.27
N ILE A 190 23.58 -0.33 11.98
CA ILE A 190 22.34 0.20 12.59
C ILE A 190 22.43 0.00 14.09
N TYR A 191 21.97 0.99 14.84
CA TYR A 191 21.96 0.93 16.33
C TYR A 191 20.87 1.85 16.85
N THR A 192 20.43 1.57 18.07
CA THR A 192 19.45 2.39 18.79
C THR A 192 20.02 2.78 20.13
N ALA A 193 19.60 3.92 20.65
CA ALA A 193 19.94 4.34 22.02
C ALA A 193 18.89 5.31 22.54
N GLY A 194 18.74 5.37 23.85
CA GLY A 194 17.87 6.37 24.50
C GLY A 194 18.55 7.73 24.54
N VAL A 195 19.88 7.76 24.47
CA VAL A 195 20.65 9.04 24.50
C VAL A 195 20.68 9.61 23.08
N TYR A 196 20.67 10.93 23.01
CA TYR A 196 20.81 11.71 21.75
C TYR A 196 22.29 11.74 21.38
N LEU A 197 22.60 11.29 20.18
CA LEU A 197 23.95 11.26 19.58
C LEU A 197 23.86 11.82 18.17
N PRO A 198 24.97 12.22 17.52
CA PRO A 198 24.94 12.55 16.10
C PRO A 198 24.70 11.31 15.25
N LYS A 199 23.62 11.26 14.45
CA LYS A 199 22.43 12.09 14.48
C LYS A 199 21.29 11.14 14.16
N PRO A 200 20.14 11.14 14.87
CA PRO A 200 19.11 10.14 14.58
C PRO A 200 18.53 10.23 13.16
N VAL A 201 18.30 9.07 12.54
CA VAL A 201 17.50 8.97 11.28
CA VAL A 201 17.50 8.97 11.28
C VAL A 201 16.01 9.01 11.64
N SER A 202 15.66 8.59 12.86
CA SER A 202 14.27 8.66 13.36
C SER A 202 14.31 8.56 14.90
N ASP A 203 13.21 8.92 15.54
CA ASP A 203 13.15 9.04 17.02
C ASP A 203 11.74 8.63 17.44
N ALA A 204 11.61 7.57 18.23
CA ALA A 204 10.30 6.96 18.57
C ALA A 204 10.09 6.95 20.07
N ARG A 205 9.07 7.65 20.57
CA ARG A 205 8.67 7.51 21.98
C ARG A 205 8.20 6.08 22.26
N TYR A 206 8.42 5.62 23.49
CA TYR A 206 7.80 4.37 23.98
C TYR A 206 6.55 4.70 24.79
N TYR A 207 5.60 3.78 24.71
CA TYR A 207 4.30 3.80 25.42
C TYR A 207 4.12 2.45 26.12
N HIS A 208 3.32 2.45 27.18
CA HIS A 208 3.14 1.28 28.08
CA HIS A 208 3.14 1.26 28.05
C HIS A 208 1.65 0.99 28.24
N ARG A 209 1.27 -0.28 28.21
CA ARG A 209 -0.11 -0.71 28.48
C ARG A 209 -0.09 -1.55 29.75
N SER A 210 -0.64 -1.02 30.83
CA SER A 210 -0.70 -1.71 32.15
C SER A 210 -1.48 -3.00 32.01
N ILE A 211 -0.95 -4.10 32.56
CA ILE A 211 -1.69 -5.38 32.66
C ILE A 211 -1.91 -5.71 34.16
N ASN A 212 -0.82 -5.82 34.91
CA ASN A 212 -0.91 -6.03 36.39
CA ASN A 212 -0.82 -6.04 36.39
C ASN A 212 -0.83 -4.67 37.08
N VAL A 213 -1.99 -4.03 37.14
CA VAL A 213 -2.23 -2.63 37.56
C VAL A 213 -1.68 -2.44 38.98
N LYS A 214 -2.04 -3.35 39.88
CA LYS A 214 -1.71 -3.19 41.31
C LYS A 214 -0.18 -3.20 41.48
N LYS A 215 0.50 -4.12 40.82
CA LYS A 215 1.98 -4.22 40.89
C LYS A 215 2.62 -2.93 40.35
N LEU A 216 2.15 -2.44 39.20
CA LEU A 216 2.72 -1.20 38.59
C LEU A 216 2.54 0.01 39.53
N ILE A 217 1.44 0.05 40.26
CA ILE A 217 1.20 1.14 41.25
C ILE A 217 2.13 0.96 42.45
N GLU A 218 2.25 -0.28 42.98
CA GLU A 218 3.03 -0.56 44.20
C GLU A 218 4.50 -0.23 43.99
N ILE A 219 5.01 -0.37 42.76
CA ILE A 219 6.46 -0.11 42.50
C ILE A 219 6.67 1.35 42.10
N GLY A 220 5.63 2.16 42.03
CA GLY A 220 5.76 3.61 41.82
C GLY A 220 5.76 4.00 40.36
N PHE A 221 5.49 3.05 39.46
CA PHE A 221 5.51 3.30 38.00
C PHE A 221 4.22 4.00 37.55
N SER A 222 3.06 3.46 37.90
CA SER A 222 1.72 4.00 37.56
C SER A 222 1.16 4.81 38.72
N SER A 223 0.37 5.84 38.42
CA SER A 223 -0.20 6.80 39.39
C SER A 223 -1.70 6.55 39.56
N LEU A 224 -2.23 6.96 40.71
CA LEU A 224 -3.69 7.06 41.02
C LEU A 224 -4.01 8.50 41.43
N ASN A 225 -5.29 8.85 41.44
CA ASN A 225 -5.81 10.15 41.96
C ASN A 225 -7.26 9.95 42.41
N SER A 226 -7.95 11.01 42.82
CA SER A 226 -9.30 10.91 43.43
C SER A 226 -10.33 10.42 42.39
N ARG A 227 -10.09 10.71 41.11
CA ARG A 227 -10.88 10.21 39.95
C ARG A 227 -10.51 8.74 39.69
N LEU A 228 -9.21 8.44 39.60
CA LEU A 228 -8.74 7.05 39.34
C LEU A 228 -8.26 6.41 40.65
N THR A 229 -9.21 5.86 41.41
CA THR A 229 -8.95 5.01 42.60
C THR A 229 -8.33 3.69 42.15
N MET A 230 -7.79 2.91 43.10
CA MET A 230 -7.23 1.57 42.78
C MET A 230 -8.29 0.72 42.07
N SER A 231 -9.50 0.61 42.63
CA SER A 231 -10.54 -0.27 42.03
C SER A 231 -10.85 0.21 40.61
N ARG A 232 -10.91 1.52 40.40
CA ARG A 232 -11.27 2.09 39.07
C ARG A 232 -10.14 1.82 38.08
N ALA A 233 -8.88 1.89 38.53
CA ALA A 233 -7.71 1.59 37.68
C ALA A 233 -7.76 0.12 37.28
N ILE A 234 -8.05 -0.77 38.21
CA ILE A 234 -8.12 -2.23 37.90
C ILE A 234 -9.21 -2.45 36.85
N LYS A 235 -10.37 -1.79 36.98
CA LYS A 235 -11.48 -1.93 36.01
C LYS A 235 -11.07 -1.37 34.65
N LEU A 236 -10.41 -0.20 34.64
CA LEU A 236 -9.99 0.50 33.40
C LEU A 236 -9.13 -0.44 32.56
N TYR A 237 -8.19 -1.18 33.18
CA TYR A 237 -7.17 -1.96 32.44
C TYR A 237 -7.59 -3.43 32.33
N ARG A 238 -8.78 -3.78 32.81
CA ARG A 238 -9.32 -5.16 32.72
C ARG A 238 -9.38 -5.56 31.24
N VAL A 239 -9.03 -6.82 30.94
CA VAL A 239 -8.92 -7.42 29.59
C VAL A 239 -9.96 -8.55 29.49
N GLU A 240 -10.82 -8.56 28.46
CA GLU A 240 -11.68 -9.74 28.17
C GLU A 240 -10.77 -10.88 27.67
N ASP A 241 -10.90 -12.07 28.25
CA ASP A 241 -10.05 -13.23 27.92
C ASP A 241 -10.57 -13.96 26.67
N THR A 242 -10.93 -13.22 25.63
CA THR A 242 -11.37 -13.80 24.34
C THR A 242 -10.67 -13.05 23.21
N LEU A 243 -10.02 -13.81 22.32
CA LEU A 243 -9.35 -13.24 21.13
C LEU A 243 -10.35 -12.74 20.11
N ASN A 244 -10.07 -11.56 19.55
CA ASN A 244 -10.72 -11.04 18.31
C ASN A 244 -10.46 -12.01 17.15
N ILE A 245 -9.26 -12.54 17.06
CA ILE A 245 -8.83 -13.47 15.97
C ILE A 245 -8.74 -14.86 16.60
N LYS A 246 -9.83 -15.59 16.54
CA LYS A 246 -10.06 -16.81 17.35
CA LYS A 246 -10.04 -16.80 17.39
C LYS A 246 -8.94 -17.83 17.19
N ASN A 247 -8.40 -17.99 15.97
CA ASN A 247 -7.47 -19.11 15.70
C ASN A 247 -6.00 -18.70 15.90
N MET A 248 -5.73 -17.54 16.51
CA MET A 248 -4.33 -17.14 16.83
C MET A 248 -3.68 -18.22 17.68
N ARG A 249 -2.55 -18.77 17.20
CA ARG A 249 -1.90 -19.92 17.86
C ARG A 249 -0.39 -19.76 17.80
N LEU A 250 0.32 -20.42 18.69
CA LEU A 250 1.80 -20.35 18.64
C LEU A 250 2.29 -20.76 17.26
N MET A 251 3.24 -20.01 16.75
CA MET A 251 3.94 -20.31 15.48
C MET A 251 4.72 -21.63 15.59
N LYS A 252 4.74 -22.38 14.50
CA LYS A 252 5.50 -23.64 14.36
C LYS A 252 6.38 -23.57 13.09
N LYS A 253 7.29 -24.52 12.96
CA LYS A 253 8.21 -24.54 11.80
C LYS A 253 7.40 -24.51 10.49
N LYS A 254 6.24 -25.15 10.46
CA LYS A 254 5.44 -25.21 9.22
C LYS A 254 5.04 -23.81 8.75
N ASP A 255 5.06 -22.82 9.65
CA ASP A 255 4.53 -21.46 9.36
C ASP A 255 5.64 -20.54 8.84
N VAL A 256 6.88 -21.00 8.75
CA VAL A 256 8.00 -20.08 8.43
C VAL A 256 7.78 -19.44 7.04
N GLU A 257 7.42 -20.23 6.03
CA GLU A 257 7.23 -19.70 4.66
CA GLU A 257 7.21 -19.72 4.64
C GLU A 257 6.12 -18.65 4.67
N GLY A 258 5.01 -18.94 5.34
CA GLY A 258 3.87 -18.00 5.43
C GLY A 258 4.22 -16.71 6.15
N VAL A 259 4.94 -16.77 7.26
CA VAL A 259 5.36 -15.56 8.01
C VAL A 259 6.34 -14.76 7.15
N HIS A 260 7.25 -15.44 6.46
CA HIS A 260 8.21 -14.76 5.55
C HIS A 260 7.44 -13.92 4.53
N LYS A 261 6.41 -14.49 3.91
CA LYS A 261 5.57 -13.77 2.91
C LYS A 261 4.79 -12.64 3.58
N LEU A 262 4.06 -12.94 4.67
CA LEU A 262 3.17 -11.92 5.28
C LEU A 262 4.00 -10.75 5.80
N LEU A 263 5.03 -11.03 6.59
CA LEU A 263 5.82 -9.96 7.23
C LEU A 263 6.66 -9.27 6.15
N GLY A 264 7.31 -10.03 5.28
CA GLY A 264 8.15 -9.44 4.23
C GLY A 264 7.37 -8.46 3.37
N SER A 265 6.14 -8.83 3.01
CA SER A 265 5.28 -8.00 2.14
C SER A 265 4.94 -6.70 2.86
N TYR A 266 4.62 -6.80 4.14
CA TYR A 266 4.22 -5.67 5.00
C TYR A 266 5.39 -4.68 5.12
N LEU A 267 6.60 -5.19 5.34
CA LEU A 267 7.73 -4.30 5.72
C LEU A 267 8.21 -3.45 4.55
N GLU A 268 7.91 -3.82 3.30
CA GLU A 268 8.49 -3.10 2.13
C GLU A 268 8.02 -1.64 2.10
N GLN A 269 6.90 -1.29 2.76
CA GLN A 269 6.36 0.10 2.75
C GLN A 269 7.27 1.04 3.54
N PHE A 270 8.09 0.54 4.46
CA PHE A 270 8.79 1.41 5.43
C PHE A 270 10.10 1.93 4.84
N ASN A 271 10.57 3.03 5.41
CA ASN A 271 11.83 3.72 5.02
C ASN A 271 13.03 3.00 5.62
N LEU A 272 12.85 2.13 6.61
CA LEU A 272 13.97 1.42 7.28
C LEU A 272 13.43 0.08 7.78
N TYR A 273 13.96 -1.03 7.28
CA TYR A 273 13.51 -2.38 7.72
C TYR A 273 14.61 -3.39 7.43
N ALA A 274 14.57 -4.50 8.15
CA ALA A 274 15.42 -5.68 7.88
C ALA A 274 14.79 -6.50 6.77
N VAL A 275 15.61 -6.93 5.82
CA VAL A 275 15.16 -7.82 4.71
C VAL A 275 15.45 -9.26 5.15
N PHE A 276 14.47 -9.90 5.77
CA PHE A 276 14.63 -11.21 6.43
C PHE A 276 14.68 -12.32 5.36
N THR A 277 15.67 -13.20 5.44
CA THR A 277 15.65 -14.51 4.74
C THR A 277 14.72 -15.46 5.49
N LYS A 278 14.36 -16.58 4.86
CA LYS A 278 13.56 -17.65 5.49
CA LYS A 278 13.52 -17.59 5.53
C LYS A 278 14.27 -18.09 6.78
N GLU A 279 15.60 -18.25 6.71
CA GLU A 279 16.36 -18.74 7.89
CA GLU A 279 16.46 -18.67 7.86
C GLU A 279 16.25 -17.70 9.02
N GLU A 280 16.26 -16.41 8.68
CA GLU A 280 16.15 -15.35 9.71
C GLU A 280 14.73 -15.33 10.29
N ILE A 281 13.71 -15.59 9.47
CA ILE A 281 12.32 -15.68 10.00
C ILE A 281 12.25 -16.82 11.01
N ALA A 282 12.80 -17.98 10.70
CA ALA A 282 12.78 -19.12 11.64
C ALA A 282 13.49 -18.71 12.93
N HIS A 283 14.66 -18.09 12.84
CA HIS A 283 15.41 -17.71 14.06
C HIS A 283 14.64 -16.69 14.91
N TRP A 284 14.20 -15.58 14.29
CA TRP A 284 13.69 -14.41 15.03
C TRP A 284 12.26 -14.64 15.52
N PHE A 285 11.50 -15.59 14.98
CA PHE A 285 10.07 -15.71 15.34
C PHE A 285 9.72 -17.05 15.98
N LEU A 286 10.39 -18.16 15.72
CA LEU A 286 9.90 -19.43 16.29
C LEU A 286 9.99 -19.33 17.81
N PRO A 287 8.90 -19.65 18.52
CA PRO A 287 8.82 -19.28 19.93
C PRO A 287 9.78 -20.02 20.86
N ILE A 288 10.25 -19.26 21.85
CA ILE A 288 11.11 -19.76 22.96
C ILE A 288 10.53 -19.19 24.25
N GLU A 289 10.15 -20.06 25.18
N GLU A 289 10.15 -20.06 25.18
CA GLU A 289 9.50 -19.64 26.45
CA GLU A 289 9.51 -19.66 26.45
C GLU A 289 10.41 -18.62 27.15
C GLU A 289 10.41 -18.63 27.17
N ASN A 290 9.81 -17.54 27.65
CA ASN A 290 10.49 -16.45 28.40
C ASN A 290 11.49 -15.70 27.50
N VAL A 291 11.38 -15.79 26.17
CA VAL A 291 12.27 -15.03 25.25
C VAL A 291 11.44 -14.40 24.13
N ILE A 292 10.85 -15.22 23.24
CA ILE A 292 10.15 -14.68 22.03
C ILE A 292 8.83 -15.45 21.86
N TYR A 293 7.75 -14.72 21.66
CA TYR A 293 6.38 -15.24 21.51
C TYR A 293 5.85 -14.79 20.15
N THR A 294 5.53 -15.74 19.28
CA THR A 294 4.90 -15.41 17.97
C THR A 294 3.64 -16.24 17.85
N TYR A 295 2.55 -15.59 17.51
CA TYR A 295 1.23 -16.24 17.25
C TYR A 295 0.85 -15.93 15.80
N VAL A 296 0.22 -16.90 15.15
CA VAL A 296 -0.21 -16.77 13.73
C VAL A 296 -1.68 -17.15 13.60
N ASN A 297 -2.31 -16.56 12.60
CA ASN A 297 -3.67 -16.95 12.15
C ASN A 297 -3.56 -17.59 10.76
N GLU A 298 -3.83 -18.90 10.68
CA GLU A 298 -3.75 -19.69 9.42
C GLU A 298 -5.18 -19.85 8.88
N GLU A 299 -5.38 -19.45 7.63
CA GLU A 299 -6.70 -19.55 6.95
C GLU A 299 -6.44 -20.04 5.53
N ASN A 300 -7.02 -21.18 5.13
CA ASN A 300 -6.82 -21.72 3.77
C ASN A 300 -5.32 -21.94 3.47
N GLY A 301 -4.56 -22.45 4.44
CA GLY A 301 -3.12 -22.78 4.29
C GLY A 301 -2.24 -21.55 4.19
N LYS A 302 -2.81 -20.35 4.34
CA LYS A 302 -2.03 -19.07 4.29
C LYS A 302 -1.96 -18.44 5.68
N ILE A 303 -0.81 -17.89 6.04
CA ILE A 303 -0.67 -17.10 7.29
C ILE A 303 -1.19 -15.68 6.99
N LYS A 304 -2.31 -15.29 7.59
CA LYS A 304 -3.00 -14.03 7.23
C LYS A 304 -2.80 -12.97 8.30
N ASP A 305 -2.36 -13.36 9.50
CA ASP A 305 -2.14 -12.38 10.60
C ASP A 305 -1.05 -12.93 11.52
N MET A 306 -0.29 -12.05 12.15
CA MET A 306 0.71 -12.49 13.13
C MET A 306 0.85 -11.44 14.22
N ILE A 307 1.22 -11.93 15.40
CA ILE A 307 1.55 -11.14 16.60
C ILE A 307 2.90 -11.63 17.11
N SER A 308 3.78 -10.74 17.52
CA SER A 308 5.02 -11.17 18.19
C SER A 308 5.44 -10.14 19.24
N PHE A 309 6.00 -10.64 20.33
CA PHE A 309 6.54 -9.81 21.43
C PHE A 309 7.66 -10.60 22.08
N TYR A 310 8.66 -9.88 22.57
CA TYR A 310 9.80 -10.49 23.30
C TYR A 310 9.71 -10.15 24.78
N SER A 311 10.34 -11.01 25.58
CA SER A 311 10.40 -10.88 27.05
C SER A 311 11.65 -10.11 27.44
N LEU A 312 11.50 -8.97 28.10
CA LEU A 312 12.64 -8.18 28.64
C LEU A 312 12.24 -7.67 30.01
N PRO A 313 12.56 -8.44 31.06
CA PRO A 313 12.29 -8.01 32.41
C PRO A 313 13.16 -6.81 32.77
N SER A 314 12.67 -5.99 33.70
CA SER A 314 13.50 -5.00 34.40
C SER A 314 13.62 -5.38 35.87
N GLN A 315 14.83 -5.30 36.39
CA GLN A 315 15.07 -5.34 37.84
C GLN A 315 14.46 -4.06 38.43
N ILE A 316 13.69 -4.21 39.49
CA ILE A 316 13.08 -3.06 40.21
C ILE A 316 14.05 -2.69 41.33
N LEU A 317 14.79 -1.61 41.14
CA LEU A 317 15.99 -1.33 41.98
C LEU A 317 15.54 -0.98 43.40
N GLY A 318 16.16 -1.65 44.37
CA GLY A 318 15.95 -1.43 45.82
C GLY A 318 14.59 -1.92 46.32
N ASN A 319 13.79 -2.63 45.52
CA ASN A 319 12.45 -3.11 45.94
C ASN A 319 12.65 -4.46 46.64
N ASP A 320 12.10 -4.58 47.85
CA ASP A 320 12.32 -5.74 48.76
C ASP A 320 11.34 -6.86 48.42
N LYS A 321 10.19 -6.50 47.83
CA LYS A 321 9.05 -7.40 47.57
C LYS A 321 9.21 -8.08 46.22
N TYR A 322 9.36 -7.27 45.18
CA TYR A 322 9.42 -7.65 43.75
C TYR A 322 10.87 -7.51 43.28
N SER A 323 11.47 -8.56 42.74
CA SER A 323 12.80 -8.45 42.12
C SER A 323 12.64 -7.92 40.69
N THR A 324 11.64 -8.37 39.92
CA THR A 324 11.52 -7.90 38.51
C THR A 324 10.09 -7.53 38.13
N LEU A 325 10.05 -6.63 37.16
CA LEU A 325 8.86 -6.31 36.36
C LEU A 325 8.96 -7.13 35.08
N ASN A 326 7.98 -7.98 34.83
CA ASN A 326 7.94 -8.88 33.65
C ASN A 326 7.28 -8.10 32.52
N ALA A 327 8.07 -7.66 31.54
CA ALA A 327 7.58 -6.77 30.48
C ALA A 327 7.64 -7.50 29.14
N ALA A 328 6.56 -7.41 28.38
CA ALA A 328 6.51 -7.84 26.96
C ALA A 328 6.73 -6.60 26.09
N TYR A 329 7.57 -6.72 25.08
CA TYR A 329 7.85 -5.64 24.12
C TYR A 329 7.32 -6.06 22.75
N SER A 330 6.48 -5.20 22.17
CA SER A 330 5.96 -5.37 20.81
C SER A 330 7.12 -5.57 19.83
N PHE A 331 7.01 -6.56 18.94
CA PHE A 331 8.07 -6.88 17.96
C PHE A 331 7.50 -6.58 16.58
N TYR A 332 6.90 -7.56 15.93
CA TYR A 332 6.25 -7.38 14.62
C TYR A 332 4.83 -7.94 14.64
N ASN A 333 3.89 -7.11 14.18
CA ASN A 333 2.44 -7.40 14.19
C ASN A 333 1.86 -7.02 12.83
N VAL A 334 1.14 -7.92 12.19
CA VAL A 334 0.57 -7.66 10.84
C VAL A 334 -0.83 -8.26 10.82
N THR A 335 -1.81 -7.51 10.33
CA THR A 335 -3.19 -8.06 10.17
C THR A 335 -3.68 -7.84 8.75
N THR A 336 -4.33 -8.86 8.19
CA THR A 336 -5.13 -8.71 6.94
C THR A 336 -6.58 -9.12 7.16
N THR A 337 -6.94 -9.75 8.28
CA THR A 337 -8.37 -10.17 8.49
C THR A 337 -9.02 -9.41 9.65
N ALA A 338 -8.32 -8.48 10.29
CA ALA A 338 -8.86 -7.71 11.42
C ALA A 338 -8.35 -6.27 11.30
N THR A 339 -8.80 -5.38 12.17
CA THR A 339 -8.22 -4.02 12.27
C THR A 339 -6.92 -4.10 13.07
N PHE A 340 -6.03 -3.13 12.87
CA PHE A 340 -4.77 -3.10 13.65
C PHE A 340 -5.11 -3.00 15.14
N LYS A 341 -6.16 -2.25 15.50
CA LYS A 341 -6.61 -2.12 16.91
C LYS A 341 -7.01 -3.50 17.45
N GLN A 342 -7.78 -4.30 16.70
CA GLN A 342 -8.20 -5.65 17.13
C GLN A 342 -6.97 -6.55 17.29
N LEU A 343 -6.01 -6.44 16.37
CA LEU A 343 -4.77 -7.27 16.43
C LEU A 343 -3.98 -6.92 17.71
N MET A 344 -3.76 -5.63 17.96
CA MET A 344 -2.92 -5.23 19.12
C MET A 344 -3.70 -5.48 20.42
N GLN A 345 -5.02 -5.47 20.41
CA GLN A 345 -5.83 -5.89 21.58
C GLN A 345 -5.53 -7.37 21.87
N ASP A 346 -5.49 -8.19 20.83
CA ASP A 346 -5.12 -9.62 20.97
C ASP A 346 -3.68 -9.76 21.46
N ALA A 347 -2.76 -8.93 21.01
CA ALA A 347 -1.35 -8.97 21.48
C ALA A 347 -1.32 -8.72 23.00
N ILE A 348 -2.02 -7.70 23.49
CA ILE A 348 -2.10 -7.42 24.95
C ILE A 348 -2.67 -8.66 25.66
N LEU A 349 -3.73 -9.26 25.13
CA LEU A 349 -4.35 -10.45 25.78
C LEU A 349 -3.33 -11.58 25.84
N LEU A 350 -2.59 -11.80 24.75
CA LEU A 350 -1.64 -12.94 24.70
C LEU A 350 -0.49 -12.68 25.68
N ALA A 351 -0.05 -11.44 25.83
CA ALA A 351 0.93 -11.07 26.86
C ALA A 351 0.35 -11.33 28.26
N LYS A 352 -0.90 -10.98 28.50
CA LYS A 352 -1.53 -11.24 29.81
C LYS A 352 -1.56 -12.75 30.10
N ARG A 353 -1.95 -13.55 29.11
CA ARG A 353 -2.08 -15.02 29.27
C ARG A 353 -0.71 -15.61 29.60
N ASN A 354 0.38 -14.95 29.19
CA ASN A 354 1.76 -15.43 29.41
C ASN A 354 2.39 -14.76 30.65
N ASN A 355 1.56 -14.14 31.49
N ASN A 355 1.56 -14.15 31.50
CA ASN A 355 1.90 -13.68 32.87
CA ASN A 355 1.94 -13.70 32.86
C ASN A 355 2.72 -12.39 32.86
C ASN A 355 2.86 -12.47 32.78
N PHE A 356 2.72 -11.63 31.76
CA PHE A 356 3.42 -10.32 31.69
C PHE A 356 2.68 -9.25 32.50
N ASP A 357 3.43 -8.30 33.05
CA ASP A 357 2.90 -7.25 33.95
C ASP A 357 2.52 -6.02 33.13
N VAL A 358 3.15 -5.86 31.97
CA VAL A 358 3.02 -4.63 31.15
C VAL A 358 3.38 -5.01 29.71
N PHE A 359 2.73 -4.32 28.78
CA PHE A 359 2.99 -4.45 27.33
C PHE A 359 3.54 -3.11 26.82
N ASN A 360 4.77 -3.13 26.32
CA ASN A 360 5.54 -1.93 25.89
C ASN A 360 5.58 -1.90 24.37
N ALA A 361 5.48 -0.71 23.78
CA ALA A 361 5.56 -0.55 22.31
C ALA A 361 6.13 0.82 21.97
N LEU A 362 6.83 0.90 20.84
CA LEU A 362 7.31 2.16 20.25
C LEU A 362 6.28 2.68 19.24
N GLU A 363 6.29 3.99 19.01
CA GLU A 363 5.43 4.61 17.96
C GLU A 363 6.05 4.36 16.59
N VAL A 364 6.35 3.11 16.26
CA VAL A 364 6.83 2.73 14.90
C VAL A 364 5.73 1.97 14.17
N MET A 365 5.90 1.81 12.86
CA MET A 365 4.91 1.12 12.00
C MET A 365 3.52 1.70 12.31
N GLN A 366 2.48 0.88 12.51
CA GLN A 366 1.10 1.39 12.75
C GLN A 366 0.82 1.59 14.26
N ASN A 367 1.80 1.43 15.13
CA ASN A 367 1.51 1.28 16.57
C ASN A 367 0.80 2.52 17.14
N LYS A 368 1.24 3.73 16.82
CA LYS A 368 0.72 4.92 17.54
C LYS A 368 -0.79 5.02 17.34
N SER A 369 -1.31 4.51 16.21
CA SER A 369 -2.75 4.59 15.83
C SER A 369 -3.64 3.88 16.86
N VAL A 370 -3.10 2.97 17.67
CA VAL A 370 -3.93 2.18 18.64
C VAL A 370 -3.70 2.64 20.09
N PHE A 371 -2.75 3.53 20.38
CA PHE A 371 -2.31 3.75 21.77
C PHE A 371 -3.44 4.37 22.61
N GLU A 372 -4.17 5.33 22.06
CA GLU A 372 -5.26 6.01 22.82
C GLU A 372 -6.38 5.01 23.10
N ASP A 373 -6.90 4.34 22.08
CA ASP A 373 -8.06 3.43 22.20
C ASP A 373 -7.73 2.23 23.10
N LEU A 374 -6.49 1.73 23.10
CA LEU A 374 -6.11 0.53 23.88
C LEU A 374 -5.48 0.90 25.22
N LYS A 375 -5.60 2.17 25.62
CA LYS A 375 -5.29 2.69 26.98
CA LYS A 375 -5.29 2.60 27.01
C LYS A 375 -3.78 2.57 27.29
N PHE A 376 -2.94 2.79 26.29
CA PHE A 376 -1.47 2.94 26.51
C PHE A 376 -1.23 4.33 27.14
N GLY A 377 -0.22 4.41 27.99
CA GLY A 377 0.27 5.70 28.51
C GLY A 377 1.57 6.06 27.85
N GLU A 378 1.79 7.34 27.59
CA GLU A 378 3.08 7.85 27.07
C GLU A 378 4.17 7.66 28.13
N GLY A 379 5.33 7.15 27.73
CA GLY A 379 6.49 6.93 28.62
C GLY A 379 7.30 8.20 28.86
N ASP A 380 8.45 8.03 29.49
CA ASP A 380 9.35 9.11 29.99
C ASP A 380 10.36 9.54 28.91
N GLY A 381 10.41 8.89 27.76
CA GLY A 381 11.38 9.34 26.75
C GLY A 381 11.25 8.61 25.44
N SER A 382 12.35 8.55 24.70
CA SER A 382 12.31 8.04 23.32
C SER A 382 13.54 7.21 23.00
N LEU A 383 13.35 6.34 22.01
CA LEU A 383 14.45 5.54 21.45
C LEU A 383 14.84 6.11 20.08
N LYS A 384 16.12 6.46 19.95
CA LYS A 384 16.65 7.08 18.71
C LYS A 384 17.23 5.96 17.84
N TYR A 385 16.98 6.02 16.54
CA TYR A 385 17.53 5.10 15.52
C TYR A 385 18.69 5.79 14.81
N TYR A 386 19.79 5.08 14.64
CA TYR A 386 21.04 5.61 14.03
C TYR A 386 21.57 4.67 12.95
N LEU A 387 22.20 5.26 11.95
CA LEU A 387 23.03 4.53 10.98
C LEU A 387 24.46 5.06 11.07
N TYR A 388 25.41 4.15 10.89
CA TYR A 388 26.85 4.48 10.85
C TYR A 388 27.31 4.47 9.39
N ASN A 389 27.97 5.55 8.96
CA ASN A 389 28.53 5.71 7.60
C ASN A 389 27.39 5.67 6.58
N TRP A 390 26.32 6.42 6.86
CA TRP A 390 25.21 6.53 5.90
C TRP A 390 24.59 7.92 6.00
N LYS A 391 24.52 8.63 4.88
CA LYS A 391 23.85 9.94 4.84
C LYS A 391 22.54 9.79 4.09
N CYS A 392 21.47 10.31 4.69
CA CYS A 392 20.11 10.19 4.13
C CYS A 392 19.18 11.11 4.91
N ALA A 393 17.98 11.27 4.38
CA ALA A 393 16.91 12.04 5.02
C ALA A 393 16.43 11.31 6.27
N SER A 394 16.15 12.06 7.32
CA SER A 394 15.42 11.54 8.51
C SER A 394 13.93 11.46 8.20
N PHE A 395 13.19 10.77 9.05
CA PHE A 395 11.73 10.58 8.83
C PHE A 395 11.05 10.32 10.17
N ALA A 396 9.73 10.48 10.16
CA ALA A 396 8.85 10.25 11.31
C ALA A 396 8.86 8.76 11.65
N PRO A 397 8.67 8.41 12.93
CA PRO A 397 8.83 7.03 13.39
C PRO A 397 7.79 6.06 12.83
N ALA A 398 6.65 6.53 12.33
CA ALA A 398 5.68 5.62 11.66
C ALA A 398 6.31 5.00 10.40
N HIS A 399 7.36 5.60 9.84
CA HIS A 399 8.07 5.07 8.64
C HIS A 399 9.20 4.14 9.05
N VAL A 400 9.44 3.95 10.35
CA VAL A 400 10.40 2.94 10.86
C VAL A 400 9.70 1.58 10.83
N GLY A 401 10.34 0.58 10.20
CA GLY A 401 9.80 -0.78 10.15
C GLY A 401 10.74 -1.82 10.76
N ILE A 402 11.48 -1.44 11.80
CA ILE A 402 12.44 -2.37 12.47
C ILE A 402 12.42 -2.10 13.96
N VAL A 403 12.41 -3.18 14.74
CA VAL A 403 12.49 -3.13 16.22
C VAL A 403 13.74 -3.90 16.62
N LEU A 404 14.71 -3.21 17.22
CA LEU A 404 15.95 -3.83 17.74
C LEU A 404 15.68 -4.31 19.17
N LEU A 405 16.50 -5.22 19.68
CA LEU A 405 16.25 -5.83 21.01
C LEU A 405 16.76 -4.93 22.12
N PRO B 21 -24.31 9.94 23.70
CA PRO B 21 -25.08 10.50 22.57
C PRO B 21 -25.88 9.43 21.79
N ASP B 22 -27.10 9.78 21.36
CA ASP B 22 -28.07 8.84 20.73
C ASP B 22 -27.90 8.83 19.20
N TYR B 23 -27.43 9.92 18.59
CA TYR B 23 -27.30 10.06 17.11
C TYR B 23 -28.61 9.68 16.43
N LYS B 24 -29.73 10.25 16.86
CA LYS B 24 -31.07 9.86 16.35
C LYS B 24 -31.17 10.15 14.85
N PHE B 25 -30.51 11.19 14.36
CA PHE B 25 -30.49 11.48 12.91
C PHE B 25 -29.41 10.61 12.25
N TRP B 26 -28.18 10.68 12.76
CA TRP B 26 -27.04 10.07 12.03
C TRP B 26 -27.22 8.55 11.93
N TYR B 27 -27.85 7.89 12.89
CA TYR B 27 -28.02 6.42 12.82
C TYR B 27 -29.08 6.01 11.79
N THR B 28 -29.86 6.95 11.19
CA THR B 28 -30.75 6.69 10.04
C THR B 28 -29.95 6.72 8.72
N GLN B 29 -28.70 7.16 8.75
CA GLN B 29 -27.90 7.42 7.52
C GLN B 29 -26.95 6.25 7.27
N PRO B 30 -26.54 6.05 5.99
CA PRO B 30 -25.52 5.06 5.63
C PRO B 30 -24.10 5.54 6.00
N VAL B 31 -23.84 5.54 7.30
CA VAL B 31 -22.52 5.83 7.91
C VAL B 31 -22.30 4.75 8.98
N PRO B 32 -21.06 4.54 9.43
CA PRO B 32 -20.80 3.52 10.45
C PRO B 32 -21.43 3.89 11.79
N LYS B 33 -21.80 2.89 12.58
CA LYS B 33 -22.12 3.07 14.01
C LYS B 33 -20.80 3.35 14.74
N ILE B 34 -20.82 4.01 15.91
CA ILE B 34 -19.56 4.41 16.60
C ILE B 34 -18.74 3.18 16.98
N ASN B 35 -19.37 2.01 17.16
CA ASN B 35 -18.63 0.76 17.53
C ASN B 35 -18.38 -0.12 16.30
N ASP B 36 -18.70 0.35 15.08
CA ASP B 36 -18.39 -0.41 13.84
C ASP B 36 -16.89 -0.35 13.60
N GLU B 37 -16.28 -1.50 13.30
N GLU B 37 -16.28 -1.48 13.19
CA GLU B 37 -14.86 -1.65 12.95
CA GLU B 37 -14.82 -1.64 12.98
C GLU B 37 -14.78 -2.47 11.67
C GLU B 37 -14.51 -2.52 11.74
N PHE B 38 -14.26 -1.88 10.59
CA PHE B 38 -14.02 -2.58 9.31
C PHE B 38 -12.52 -2.73 9.08
N ASN B 39 -12.13 -3.88 8.56
CA ASN B 39 -10.71 -4.15 8.23
C ASN B 39 -10.46 -3.78 6.78
N GLU B 40 -9.20 -3.86 6.35
CA GLU B 40 -8.77 -3.36 5.02
C GLU B 40 -9.33 -4.24 3.89
N SER B 41 -9.93 -5.40 4.19
CA SER B 41 -10.59 -6.27 3.18
C SER B 41 -11.90 -5.62 2.73
N VAL B 42 -12.40 -4.64 3.48
CA VAL B 42 -13.71 -3.98 3.23
C VAL B 42 -13.43 -2.56 2.73
N ASN B 43 -13.92 -2.21 1.54
CA ASN B 43 -13.72 -0.85 0.96
C ASN B 43 -14.81 -0.65 -0.11
N GLU B 44 -16.01 -0.32 0.32
CA GLU B 44 -17.20 -0.33 -0.57
C GLU B 44 -18.32 0.47 0.06
N PRO B 45 -19.40 0.78 -0.70
CA PRO B 45 -20.55 1.48 -0.12
C PRO B 45 -21.29 0.67 0.95
N PHE B 46 -22.01 1.36 1.83
CA PHE B 46 -23.05 0.72 2.67
C PHE B 46 -24.20 0.27 1.77
N ILE B 47 -24.59 1.13 0.84
CA ILE B 47 -25.74 0.93 -0.08
C ILE B 47 -25.25 1.10 -1.52
N SER B 48 -25.34 0.03 -2.29
CA SER B 48 -24.91 -0.06 -3.71
C SER B 48 -26.14 -0.11 -4.59
N ASP B 49 -25.95 -0.04 -5.91
CA ASP B 49 -27.05 -0.26 -6.90
C ASP B 49 -28.11 0.81 -6.72
N ASN B 50 -27.69 2.03 -6.37
CA ASN B 50 -28.56 3.21 -6.24
C ASN B 50 -29.06 3.63 -7.63
N LYS B 51 -30.25 4.21 -7.70
CA LYS B 51 -30.90 4.58 -8.97
C LYS B 51 -31.32 6.04 -8.92
N VAL B 52 -30.83 6.85 -9.84
CA VAL B 52 -31.28 8.26 -9.97
C VAL B 52 -32.81 8.28 -10.11
N GLU B 53 -33.39 7.34 -10.85
CA GLU B 53 -34.86 7.37 -11.15
C GLU B 53 -35.66 7.27 -9.84
N ASP B 54 -35.06 6.73 -8.77
CA ASP B 54 -35.78 6.46 -7.50
C ASP B 54 -35.58 7.61 -6.50
N VAL B 55 -34.65 8.53 -6.76
CA VAL B 55 -34.38 9.64 -5.80
C VAL B 55 -35.64 10.50 -5.67
N ARG B 56 -35.92 10.99 -4.46
CA ARG B 56 -37.03 11.96 -4.22
C ARG B 56 -36.85 13.16 -5.14
N LYS B 57 -37.89 13.55 -5.89
CA LYS B 57 -37.80 14.71 -6.81
C LYS B 57 -38.36 15.97 -6.12
N ASP B 58 -38.98 15.79 -4.94
CA ASP B 58 -39.54 16.89 -4.12
C ASP B 58 -38.49 17.44 -3.15
N GLU B 59 -38.44 18.76 -2.99
CA GLU B 59 -37.58 19.35 -1.93
C GLU B 59 -38.08 18.90 -0.55
N TYR B 60 -37.17 18.70 0.40
CA TYR B 60 -37.54 18.45 1.82
C TYR B 60 -38.37 19.61 2.37
N LYS B 61 -39.31 19.26 3.23
CA LYS B 61 -40.22 20.25 3.86
C LYS B 61 -39.45 21.02 4.93
N LEU B 62 -39.63 22.34 4.94
CA LEU B 62 -39.11 23.26 5.98
C LEU B 62 -40.29 23.66 6.87
N PRO B 63 -40.02 24.19 8.08
CA PRO B 63 -41.09 24.71 8.93
C PRO B 63 -41.82 25.87 8.27
N PRO B 64 -43.09 26.16 8.63
CA PRO B 64 -43.79 27.32 8.09
C PRO B 64 -42.97 28.60 8.27
N GLY B 65 -42.91 29.40 7.21
CA GLY B 65 -42.22 30.70 7.21
C GLY B 65 -40.78 30.62 6.72
N TYR B 66 -40.31 29.43 6.30
CA TYR B 66 -38.94 29.25 5.77
C TYR B 66 -39.05 28.68 4.36
N SER B 67 -38.10 29.02 3.50
CA SER B 67 -38.09 28.56 2.09
C SER B 67 -36.66 28.24 1.65
N TRP B 68 -36.53 27.32 0.70
CA TRP B 68 -35.25 27.06 0.02
C TRP B 68 -34.91 28.25 -0.85
N TYR B 69 -33.63 28.57 -0.92
CA TYR B 69 -33.14 29.66 -1.79
C TYR B 69 -31.99 29.12 -2.63
N VAL B 70 -32.10 29.34 -3.94
CA VAL B 70 -31.05 29.04 -4.96
C VAL B 70 -29.97 30.11 -4.83
N CYS B 71 -28.83 29.83 -4.18
CA CYS B 71 -27.75 30.84 -4.06
C CYS B 71 -26.91 30.81 -5.35
N ASP B 72 -26.83 31.94 -6.05
CA ASP B 72 -25.90 32.11 -7.17
C ASP B 72 -24.62 32.75 -6.62
N VAL B 73 -23.60 31.95 -6.36
CA VAL B 73 -22.40 32.46 -5.65
C VAL B 73 -21.66 33.47 -6.53
N LYS B 74 -21.86 33.45 -7.84
CA LYS B 74 -21.24 34.44 -8.77
C LYS B 74 -22.01 35.76 -8.74
N ASP B 75 -23.22 35.78 -8.19
CA ASP B 75 -24.02 37.02 -8.04
C ASP B 75 -23.55 37.73 -6.77
N GLU B 76 -23.16 39.00 -6.86
CA GLU B 76 -22.58 39.75 -5.72
C GLU B 76 -23.60 39.84 -4.57
N LYS B 77 -24.88 40.09 -4.86
CA LYS B 77 -25.95 40.16 -3.82
C LYS B 77 -26.06 38.82 -3.07
N ASP B 78 -26.17 37.71 -3.79
CA ASP B 78 -26.34 36.37 -3.16
C ASP B 78 -25.08 36.04 -2.36
N ARG B 79 -23.89 36.27 -2.93
CA ARG B 79 -22.62 36.00 -2.22
C ARG B 79 -22.53 36.86 -0.95
N SER B 80 -22.97 38.12 -1.00
CA SER B 80 -22.98 39.02 0.20
C SER B 80 -23.84 38.41 1.31
N GLU B 81 -24.99 37.85 0.98
CA GLU B 81 -25.91 37.22 1.97
C GLU B 81 -25.23 36.02 2.62
N ILE B 82 -24.56 35.17 1.83
CA ILE B 82 -23.82 33.99 2.37
C ILE B 82 -22.71 34.50 3.29
N TYR B 83 -21.94 35.48 2.80
CA TYR B 83 -20.84 36.09 3.57
C TYR B 83 -21.40 36.57 4.92
N THR B 84 -22.52 37.30 4.94
CA THR B 84 -23.09 37.84 6.20
C THR B 84 -23.50 36.69 7.13
N LEU B 85 -24.17 35.66 6.61
CA LEU B 85 -24.58 34.51 7.45
C LEU B 85 -23.34 33.88 8.11
N LEU B 86 -22.31 33.60 7.34
CA LEU B 86 -21.14 32.87 7.89
C LEU B 86 -20.34 33.79 8.82
N THR B 87 -20.15 35.07 8.47
CA THR B 87 -19.42 36.03 9.33
C THR B 87 -20.05 36.07 10.73
N ASP B 88 -21.38 36.01 10.80
CA ASP B 88 -22.11 36.17 12.08
C ASP B 88 -22.35 34.84 12.80
N ASN B 89 -22.33 33.71 12.09
CA ASN B 89 -22.92 32.46 12.62
C ASN B 89 -22.08 31.20 12.35
N TYR B 90 -20.88 31.29 11.77
CA TYR B 90 -20.12 30.06 11.40
C TYR B 90 -19.23 29.63 12.57
N VAL B 91 -18.21 28.81 12.27
CA VAL B 91 -17.40 28.03 13.24
C VAL B 91 -16.77 28.96 14.26
N GLU B 92 -16.94 28.64 15.53
CA GLU B 92 -16.17 29.27 16.63
C GLU B 92 -15.36 28.17 17.31
N ASP B 93 -14.28 28.53 17.99
CA ASP B 93 -13.57 27.55 18.87
C ASP B 93 -14.48 27.29 20.09
N ASP B 94 -14.21 26.20 20.82
CA ASP B 94 -15.08 25.76 21.96
C ASP B 94 -15.17 26.88 23.01
N ASP B 95 -14.18 27.76 23.07
CA ASP B 95 -14.10 28.83 24.10
C ASP B 95 -14.49 30.19 23.53
N ASN B 96 -14.89 30.26 22.27
CA ASN B 96 -15.46 31.49 21.64
C ASN B 96 -14.44 32.64 21.70
N ILE B 97 -13.16 32.36 21.48
CA ILE B 97 -12.13 33.41 21.24
C ILE B 97 -12.34 33.94 19.82
N PHE B 98 -12.71 33.05 18.91
CA PHE B 98 -12.58 33.25 17.46
C PHE B 98 -13.85 32.82 16.74
N ARG B 99 -14.18 33.50 15.65
CA ARG B 99 -15.17 32.97 14.67
CA ARG B 99 -15.17 32.98 14.67
C ARG B 99 -14.55 33.06 13.27
N PHE B 100 -14.56 31.96 12.53
CA PHE B 100 -14.02 31.95 11.16
C PHE B 100 -14.71 33.06 10.36
N ASN B 101 -13.92 33.76 9.54
CA ASN B 101 -14.40 34.90 8.73
C ASN B 101 -13.89 34.72 7.30
N TYR B 102 -14.38 33.69 6.60
CA TYR B 102 -14.07 33.48 5.16
C TYR B 102 -14.47 34.74 4.39
N SER B 103 -13.59 35.27 3.55
CA SER B 103 -13.92 36.45 2.72
C SER B 103 -14.92 36.06 1.62
N ALA B 104 -15.61 37.04 1.08
CA ALA B 104 -16.50 36.83 -0.08
C ALA B 104 -15.70 36.30 -1.29
N GLU B 105 -14.46 36.76 -1.52
CA GLU B 105 -13.61 36.30 -2.65
CA GLU B 105 -13.63 36.28 -2.67
C GLU B 105 -13.22 34.83 -2.40
N PHE B 106 -12.98 34.46 -1.15
CA PHE B 106 -12.65 33.06 -0.77
C PHE B 106 -13.84 32.17 -1.11
N LEU B 107 -15.04 32.59 -0.71
CA LEU B 107 -16.26 31.77 -0.91
C LEU B 107 -16.47 31.57 -2.41
N LEU B 108 -16.23 32.59 -3.23
CA LEU B 108 -16.34 32.46 -4.69
C LEU B 108 -15.40 31.35 -5.18
N TRP B 109 -14.14 31.40 -4.76
CA TRP B 109 -13.11 30.42 -5.17
C TRP B 109 -13.51 29.02 -4.69
N ALA B 110 -13.93 28.90 -3.44
CA ALA B 110 -14.18 27.60 -2.78
C ALA B 110 -15.34 26.88 -3.47
N LEU B 111 -16.28 27.61 -4.07
CA LEU B 111 -17.58 27.03 -4.49
C LEU B 111 -17.72 26.95 -6.01
N THR B 112 -16.77 27.48 -6.79
CA THR B 112 -16.92 27.54 -8.28
C THR B 112 -15.78 26.78 -8.96
N SER B 113 -15.34 25.68 -8.35
CA SER B 113 -14.31 24.77 -8.88
C SER B 113 -14.85 24.08 -10.14
N PRO B 114 -13.98 23.45 -10.95
CA PRO B 114 -14.41 22.85 -12.20
C PRO B 114 -15.63 21.90 -12.05
N ASN B 115 -16.59 22.10 -12.94
CA ASN B 115 -17.82 21.27 -13.06
C ASN B 115 -18.71 21.42 -11.81
N TYR B 116 -18.59 22.53 -11.08
CA TYR B 116 -19.47 22.79 -9.92
C TYR B 116 -20.92 22.85 -10.39
N LEU B 117 -21.83 22.44 -9.50
CA LEU B 117 -23.31 22.51 -9.70
C LEU B 117 -23.87 23.69 -8.89
N LYS B 118 -24.61 24.59 -9.54
CA LYS B 118 -25.35 25.71 -8.90
C LYS B 118 -26.40 25.14 -7.93
N THR B 119 -26.92 23.94 -8.23
CA THR B 119 -27.96 23.25 -7.43
C THR B 119 -27.40 22.83 -6.06
N TRP B 120 -26.07 22.76 -5.90
CA TRP B 120 -25.42 22.29 -4.65
C TRP B 120 -25.03 23.47 -3.75
N HIS B 121 -25.50 24.68 -4.03
CA HIS B 121 -25.28 25.87 -3.17
C HIS B 121 -26.62 26.29 -2.59
N ILE B 122 -26.96 25.79 -1.40
CA ILE B 122 -28.36 25.78 -0.89
C ILE B 122 -28.49 26.72 0.29
N GLY B 123 -29.41 27.67 0.19
CA GLY B 123 -29.77 28.58 1.28
C GLY B 123 -31.13 28.26 1.84
N VAL B 124 -31.38 28.70 3.08
CA VAL B 124 -32.74 28.73 3.68
C VAL B 124 -33.01 30.17 4.11
N LYS B 125 -34.12 30.72 3.65
CA LYS B 125 -34.54 32.10 3.98
C LYS B 125 -35.65 32.02 5.05
N TYR B 126 -35.62 32.96 5.99
CA TYR B 126 -36.80 33.34 6.80
C TYR B 126 -37.61 34.36 6.01
N ASP B 127 -38.80 34.00 5.56
CA ASP B 127 -39.51 34.73 4.48
C ASP B 127 -39.99 36.10 4.99
N ALA B 128 -40.33 36.22 6.27
CA ALA B 128 -40.89 37.45 6.88
C ALA B 128 -39.86 38.58 6.79
N SER B 129 -38.57 38.27 6.88
CA SER B 129 -37.46 39.25 6.85
C SER B 129 -36.66 39.15 5.54
N ASN B 130 -36.90 38.12 4.73
CA ASN B 130 -36.15 37.84 3.48
C ASN B 130 -34.66 37.71 3.83
N LYS B 131 -34.35 37.12 4.99
CA LYS B 131 -32.95 36.98 5.51
C LYS B 131 -32.50 35.53 5.37
N LEU B 132 -31.26 35.31 4.98
CA LEU B 132 -30.65 33.96 4.90
C LEU B 132 -30.37 33.50 6.33
N ILE B 133 -30.88 32.34 6.75
CA ILE B 133 -30.68 31.82 8.13
C ILE B 133 -30.02 30.43 8.09
N GLY B 134 -29.79 29.88 6.90
CA GLY B 134 -29.19 28.55 6.78
C GLY B 134 -28.49 28.41 5.45
N PHE B 135 -27.48 27.57 5.41
CA PHE B 135 -26.67 27.32 4.21
C PHE B 135 -25.98 25.96 4.33
N ILE B 136 -25.80 25.34 3.17
CA ILE B 136 -24.94 24.15 3.03
C ILE B 136 -24.45 24.12 1.58
N SER B 137 -23.27 23.59 1.34
CA SER B 137 -22.73 23.56 -0.04
C SER B 137 -22.02 22.24 -0.29
N ALA B 138 -21.79 21.95 -1.57
CA ALA B 138 -20.85 20.89 -1.98
C ALA B 138 -20.29 21.25 -3.34
N ILE B 139 -19.12 20.68 -3.62
CA ILE B 139 -18.50 20.67 -4.97
CA ILE B 139 -18.46 20.67 -4.97
C ILE B 139 -18.12 19.23 -5.31
N PRO B 140 -18.12 18.87 -6.61
CA PRO B 140 -17.75 17.52 -7.03
C PRO B 140 -16.24 17.35 -7.20
N THR B 141 -15.75 16.19 -6.82
CA THR B 141 -14.33 15.84 -7.02
C THR B 141 -14.16 14.32 -7.01
N ASP B 142 -13.12 13.82 -7.66
CA ASP B 142 -12.78 12.39 -7.59
C ASP B 142 -11.96 12.17 -6.31
N ILE B 143 -12.38 11.22 -5.47
CA ILE B 143 -11.69 10.90 -4.19
C ILE B 143 -11.16 9.47 -4.27
N CYS B 144 -9.88 9.30 -3.98
CA CYS B 144 -9.25 7.96 -3.92
C CYS B 144 -9.20 7.54 -2.44
N ILE B 145 -9.94 6.50 -2.07
CA ILE B 145 -9.98 5.94 -0.69
C ILE B 145 -9.45 4.52 -0.75
N HIS B 146 -8.35 4.24 -0.05
CA HIS B 146 -7.69 2.92 -0.08
C HIS B 146 -7.56 2.44 -1.53
N LYS B 147 -7.05 3.30 -2.42
CA LYS B 147 -6.65 2.99 -3.83
C LYS B 147 -7.87 2.83 -4.75
N ARG B 148 -9.08 3.09 -4.27
CA ARG B 148 -10.30 3.03 -5.10
C ARG B 148 -10.79 4.46 -5.36
N THR B 149 -10.97 4.84 -6.62
CA THR B 149 -11.34 6.23 -6.98
C THR B 149 -12.85 6.31 -7.23
N ILE B 150 -13.51 7.20 -6.50
CA ILE B 150 -14.99 7.35 -6.48
C ILE B 150 -15.32 8.82 -6.72
N LYS B 151 -16.30 9.10 -7.56
CA LYS B 151 -16.82 10.49 -7.69
C LYS B 151 -17.58 10.83 -6.42
N MET B 152 -17.20 11.91 -5.75
CA MET B 152 -17.83 12.29 -4.46
C MET B 152 -18.25 13.76 -4.48
N ALA B 153 -19.18 14.10 -3.61
CA ALA B 153 -19.43 15.49 -3.19
C ALA B 153 -18.55 15.82 -1.98
N GLU B 154 -17.86 16.96 -2.05
CA GLU B 154 -17.14 17.54 -0.90
C GLU B 154 -18.06 18.58 -0.23
N VAL B 155 -18.57 18.28 0.96
CA VAL B 155 -19.60 19.12 1.62
C VAL B 155 -18.91 20.06 2.60
N ASN B 156 -19.33 21.33 2.63
CA ASN B 156 -18.71 22.35 3.52
C ASN B 156 -19.71 23.48 3.76
N PHE B 157 -19.43 24.31 4.76
CA PHE B 157 -20.13 25.59 5.04
C PHE B 157 -21.56 25.29 5.50
N LEU B 158 -21.81 24.17 6.16
CA LEU B 158 -23.10 23.97 6.86
C LEU B 158 -23.21 25.02 7.96
N CYS B 159 -24.28 25.78 7.99
CA CYS B 159 -24.44 26.88 8.98
C CYS B 159 -25.92 27.14 9.23
N VAL B 160 -26.30 27.18 10.51
CA VAL B 160 -27.64 27.62 10.98
C VAL B 160 -27.46 28.85 11.85
N HIS B 161 -28.32 29.85 11.64
CA HIS B 161 -28.30 31.12 12.39
C HIS B 161 -28.30 30.83 13.89
N LYS B 162 -27.54 31.60 14.67
CA LYS B 162 -27.40 31.37 16.13
C LYS B 162 -28.77 31.38 16.82
N THR B 163 -29.74 32.13 16.30
CA THR B 163 -31.07 32.29 16.95
C THR B 163 -31.95 31.06 16.72
N LEU B 164 -31.53 30.13 15.84
CA LEU B 164 -32.38 28.99 15.42
C LEU B 164 -31.66 27.67 15.68
N ARG B 165 -30.71 27.66 16.61
CA ARG B 165 -29.93 26.43 16.93
C ARG B 165 -30.79 25.41 17.69
N SER B 166 -30.45 24.14 17.50
CA SER B 166 -31.06 22.99 18.22
C SER B 166 -32.55 22.83 17.85
N LYS B 167 -32.93 23.18 16.61
CA LYS B 167 -34.31 23.03 16.10
C LYS B 167 -34.36 21.95 15.02
N ARG B 168 -33.30 21.17 14.86
CA ARG B 168 -33.24 20.07 13.86
C ARG B 168 -33.33 20.64 12.42
N LEU B 169 -32.82 21.85 12.17
CA LEU B 169 -32.69 22.36 10.77
C LEU B 169 -31.49 21.69 10.08
N ALA B 170 -30.41 21.36 10.81
CA ALA B 170 -29.21 20.80 10.17
C ALA B 170 -29.56 19.50 9.42
N PRO B 171 -30.30 18.53 10.01
CA PRO B 171 -30.66 17.32 9.26
C PRO B 171 -31.47 17.64 8.00
N VAL B 172 -32.30 18.70 8.00
CA VAL B 172 -33.06 19.05 6.77
C VAL B 172 -32.07 19.51 5.69
N LEU B 173 -31.11 20.36 6.04
CA LEU B 173 -30.08 20.83 5.08
C LEU B 173 -29.29 19.62 4.54
N ILE B 174 -28.91 18.69 5.41
CA ILE B 174 -28.10 17.51 5.02
C ILE B 174 -28.92 16.60 4.10
N LYS B 175 -30.17 16.33 4.46
CA LYS B 175 -31.00 15.44 3.61
C LYS B 175 -31.25 16.10 2.25
N GLU B 176 -31.47 17.42 2.21
CA GLU B 176 -31.76 18.13 0.94
C GLU B 176 -30.52 18.11 0.06
N ILE B 177 -29.33 18.41 0.58
CA ILE B 177 -28.13 18.39 -0.31
CA ILE B 177 -28.10 18.38 -0.28
C ILE B 177 -27.85 16.94 -0.73
N THR B 178 -28.10 15.96 0.13
CA THR B 178 -27.92 14.53 -0.26
C THR B 178 -28.79 14.25 -1.49
N ARG B 179 -30.05 14.67 -1.43
CA ARG B 179 -31.03 14.42 -2.51
C ARG B 179 -30.48 15.02 -3.81
N ARG B 180 -30.01 16.27 -3.74
CA ARG B 180 -29.55 17.00 -4.95
C ARG B 180 -28.25 16.39 -5.51
N ILE B 181 -27.38 15.88 -4.64
CA ILE B 181 -26.14 15.18 -5.08
C ILE B 181 -26.52 13.84 -5.74
N ASN B 182 -27.46 13.10 -5.15
CA ASN B 182 -27.90 11.81 -5.72
C ASN B 182 -28.52 12.02 -7.11
N LEU B 183 -29.11 13.18 -7.40
CA LEU B 183 -29.70 13.47 -8.75
C LEU B 183 -28.58 13.59 -9.80
N GLU B 184 -27.32 13.68 -9.37
CA GLU B 184 -26.14 13.66 -10.27
C GLU B 184 -25.52 12.27 -10.35
N ASN B 185 -26.20 11.24 -9.85
CA ASN B 185 -25.68 9.85 -9.84
C ASN B 185 -24.40 9.78 -9.00
N ILE B 186 -24.35 10.58 -7.93
CA ILE B 186 -23.23 10.58 -6.95
C ILE B 186 -23.80 10.14 -5.61
N TRP B 187 -23.14 9.18 -4.97
CA TRP B 187 -23.72 8.41 -3.83
C TRP B 187 -22.78 8.40 -2.63
N GLN B 188 -21.64 9.06 -2.75
CA GLN B 188 -20.64 9.18 -1.67
C GLN B 188 -20.27 10.65 -1.47
N ALA B 189 -19.84 10.98 -0.26
CA ALA B 189 -19.37 12.35 0.06
C ALA B 189 -18.20 12.28 1.03
N ILE B 190 -17.43 13.36 1.04
CA ILE B 190 -16.34 13.60 2.01
C ILE B 190 -16.67 14.89 2.73
N TYR B 191 -16.41 14.94 4.03
CA TYR B 191 -16.65 16.13 4.86
C TYR B 191 -15.75 16.06 6.08
N THR B 192 -15.51 17.23 6.68
CA THR B 192 -14.70 17.36 7.91
C THR B 192 -15.51 18.16 8.93
N ALA B 193 -15.28 17.91 10.20
CA ALA B 193 -15.89 18.69 11.28
C ALA B 193 -15.02 18.59 12.52
N GLY B 194 -15.07 19.62 13.37
CA GLY B 194 -14.44 19.57 14.69
C GLY B 194 -15.20 18.67 15.64
N VAL B 195 -16.49 18.47 15.41
CA VAL B 195 -17.34 17.66 16.33
C VAL B 195 -17.19 16.19 15.94
N TYR B 196 -17.31 15.33 16.94
CA TYR B 196 -17.29 13.87 16.76
C TYR B 196 -18.68 13.40 16.33
N LEU B 197 -18.74 12.70 15.19
CA LEU B 197 -19.98 12.15 14.59
C LEU B 197 -19.70 10.71 14.18
N PRO B 198 -20.74 9.89 13.89
CA PRO B 198 -20.48 8.56 13.36
C PRO B 198 -20.00 8.63 11.92
N LYS B 199 -18.79 8.15 11.58
CA LYS B 199 -17.69 7.80 12.45
C LYS B 199 -16.44 8.21 11.69
N PRO B 200 -15.43 8.85 12.30
CA PRO B 200 -14.29 9.34 11.52
C PRO B 200 -13.51 8.22 10.83
N VAL B 201 -13.12 8.45 9.58
CA VAL B 201 -12.12 7.59 8.88
CA VAL B 201 -12.12 7.58 8.89
C VAL B 201 -10.71 7.98 9.36
N SER B 202 -10.53 9.21 9.79
CA SER B 202 -9.26 9.68 10.39
C SER B 202 -9.52 10.93 11.24
N ASP B 203 -8.58 11.29 12.10
CA ASP B 203 -8.78 12.40 13.07
C ASP B 203 -7.42 13.09 13.19
N ALA B 204 -7.35 14.37 12.86
CA ALA B 204 -6.07 15.10 12.80
C ALA B 204 -6.10 16.31 13.74
N ARG B 205 -5.20 16.33 14.73
CA ARG B 205 -5.02 17.54 15.56
C ARG B 205 -4.48 18.69 14.69
N TYR B 206 -4.88 19.91 15.01
CA TYR B 206 -4.27 21.13 14.43
C TYR B 206 -3.22 21.67 15.40
N TYR B 207 -2.20 22.25 14.79
CA TYR B 207 -1.03 22.90 15.42
C TYR B 207 -0.90 24.31 14.82
N HIS B 208 -0.25 25.20 15.56
CA HIS B 208 -0.10 26.62 15.15
CA HIS B 208 -0.13 26.65 15.24
C HIS B 208 1.35 27.05 15.33
N ARG B 209 1.86 27.81 14.37
CA ARG B 209 3.21 28.40 14.43
C ARG B 209 3.01 29.90 14.55
N SER B 210 3.29 30.43 15.73
CA SER B 210 3.16 31.87 16.03
C SER B 210 4.07 32.66 15.08
N ILE B 211 3.54 33.68 14.42
CA ILE B 211 4.38 34.64 13.63
C ILE B 211 4.41 36.00 14.33
N ASN B 212 3.24 36.57 14.60
CA ASN B 212 3.11 37.85 15.34
CA ASN B 212 3.07 37.85 15.34
C ASN B 212 2.77 37.50 16.79
N VAL B 213 3.80 37.21 17.58
CA VAL B 213 3.50 36.51 18.86
CA VAL B 213 3.80 36.64 18.95
C VAL B 213 2.96 37.52 19.89
N LYS B 214 3.31 38.81 19.87
CA LYS B 214 2.76 39.78 20.84
C LYS B 214 1.24 39.89 20.67
N LYS B 215 0.77 39.96 19.42
CA LYS B 215 -0.68 40.00 19.13
C LYS B 215 -1.34 38.72 19.66
N LEU B 216 -0.73 37.55 19.42
CA LEU B 216 -1.35 36.26 19.84
C LEU B 216 -1.43 36.21 21.37
N ILE B 217 -0.45 36.78 22.07
CA ILE B 217 -0.48 36.87 23.56
C ILE B 217 -1.57 37.84 24.00
N GLU B 218 -1.64 39.02 23.40
CA GLU B 218 -2.58 40.09 23.84
C GLU B 218 -4.02 39.64 23.66
N ILE B 219 -4.32 38.80 22.68
CA ILE B 219 -5.73 38.35 22.44
C ILE B 219 -6.05 37.11 23.30
N GLY B 220 -5.09 36.61 24.09
CA GLY B 220 -5.33 35.53 25.08
C GLY B 220 -5.20 34.13 24.50
N PHE B 221 -4.76 34.03 23.25
CA PHE B 221 -4.50 32.75 22.54
C PHE B 221 -3.22 32.06 23.01
N SER B 222 -2.08 32.77 22.98
CA SER B 222 -0.75 32.27 23.39
C SER B 222 -0.46 32.73 24.82
N SER B 223 0.43 32.03 25.52
CA SER B 223 0.73 32.26 26.96
C SER B 223 2.20 32.57 27.16
N LEU B 224 2.49 33.26 28.27
CA LEU B 224 3.85 33.53 28.79
C LEU B 224 3.98 32.93 30.18
N ASN B 225 5.22 32.85 30.70
CA ASN B 225 5.48 32.42 32.10
C ASN B 225 6.84 32.98 32.53
N SER B 226 7.32 32.62 33.73
CA SER B 226 8.52 33.24 34.35
C SER B 226 9.77 32.95 33.51
N ARG B 227 9.79 31.78 32.85
CA ARG B 227 10.86 31.32 31.92
C ARG B 227 10.65 31.95 30.54
N LEU B 228 9.41 32.06 30.06
CA LEU B 228 9.13 32.67 28.74
C LEU B 228 8.49 34.04 28.93
N THR B 229 9.32 35.07 29.06
CA THR B 229 8.88 36.49 29.11
C THR B 229 8.46 36.95 27.71
N MET B 230 7.86 38.13 27.61
CA MET B 230 7.44 38.68 26.30
C MET B 230 8.65 38.77 25.37
N SER B 231 9.76 39.38 25.81
CA SER B 231 10.96 39.51 24.94
C SER B 231 11.47 38.12 24.50
N ARG B 232 11.46 37.14 25.40
CA ARG B 232 12.01 35.80 25.09
C ARG B 232 11.07 35.10 24.09
N ALA B 233 9.76 35.32 24.19
CA ALA B 233 8.79 34.74 23.24
C ALA B 233 9.02 35.34 21.86
N ILE B 234 9.22 36.66 21.79
CA ILE B 234 9.44 37.32 20.47
C ILE B 234 10.74 36.77 19.85
N LYS B 235 11.77 36.58 20.64
CA LYS B 235 13.06 36.03 20.14
C LYS B 235 12.84 34.59 19.68
N LEU B 236 12.11 33.80 20.47
CA LEU B 236 11.89 32.36 20.18
C LEU B 236 11.27 32.21 18.78
N TYR B 237 10.32 33.06 18.40
CA TYR B 237 9.52 32.86 17.17
C TYR B 237 10.04 33.73 16.02
N ARG B 238 11.18 34.40 16.24
CA ARG B 238 11.84 35.20 15.19
C ARG B 238 12.24 34.29 14.03
N VAL B 239 12.11 34.76 12.80
CA VAL B 239 12.39 34.01 11.55
CA VAL B 239 12.54 33.94 11.63
C VAL B 239 13.44 34.78 10.74
N GLU B 240 14.43 34.09 10.17
CA GLU B 240 15.38 34.70 9.22
C GLU B 240 14.61 34.97 7.93
N ASP B 241 14.74 36.17 7.37
CA ASP B 241 14.03 36.56 6.12
C ASP B 241 14.79 36.04 4.88
N THR B 242 15.26 34.79 4.91
CA THR B 242 15.93 34.16 3.75
C THR B 242 15.36 32.77 3.53
N LEU B 243 14.94 32.50 2.31
CA LEU B 243 14.43 31.17 1.90
C LEU B 243 15.56 30.14 1.86
N ASN B 244 15.26 28.93 2.30
CA ASN B 244 16.10 27.73 2.07
C ASN B 244 16.14 27.40 0.58
N ILE B 245 14.99 27.53 -0.10
CA ILE B 245 14.83 27.23 -1.55
C ILE B 245 14.76 28.60 -2.26
N LYS B 246 15.91 29.11 -2.68
CA LYS B 246 16.07 30.54 -3.05
C LYS B 246 15.10 30.94 -4.17
N ASN B 247 14.76 30.03 -5.09
CA ASN B 247 14.00 30.40 -6.33
C ASN B 247 12.50 30.14 -6.15
N MET B 248 12.04 29.84 -4.94
CA MET B 248 10.58 29.71 -4.65
C MET B 248 9.87 30.98 -5.11
N ARG B 249 8.92 30.85 -6.03
CA ARG B 249 8.24 32.01 -6.65
C ARG B 249 6.75 31.72 -6.79
N LEU B 250 5.95 32.78 -6.92
CA LEU B 250 4.49 32.60 -7.14
C LEU B 250 4.27 31.76 -8.39
N MET B 251 3.33 30.83 -8.28
CA MET B 251 2.94 29.94 -9.39
C MET B 251 2.30 30.77 -10.50
N LYS B 252 2.61 30.40 -11.75
CA LYS B 252 2.09 31.01 -13.00
CA LYS B 252 2.00 31.02 -12.95
C LYS B 252 1.33 29.94 -13.81
N LYS B 253 0.49 30.34 -14.76
CA LYS B 253 -0.28 29.37 -15.56
C LYS B 253 0.66 28.37 -16.27
N LYS B 254 1.86 28.79 -16.66
CA LYS B 254 2.83 27.88 -17.35
C LYS B 254 3.22 26.72 -16.42
N ASP B 255 3.02 26.86 -15.11
CA ASP B 255 3.46 25.86 -14.11
C ASP B 255 2.40 24.78 -13.86
N VAL B 256 1.21 24.88 -14.44
CA VAL B 256 0.07 23.98 -14.07
C VAL B 256 0.47 22.54 -14.37
N GLU B 257 1.03 22.25 -15.54
CA GLU B 257 1.40 20.85 -15.92
C GLU B 257 2.41 20.29 -14.91
N GLY B 258 3.42 21.07 -14.54
CA GLY B 258 4.48 20.64 -13.61
C GLY B 258 3.93 20.42 -12.21
N VAL B 259 3.05 21.30 -11.75
CA VAL B 259 2.41 21.14 -10.41
C VAL B 259 1.53 19.88 -10.45
N HIS B 260 0.77 19.68 -11.52
CA HIS B 260 -0.09 18.49 -11.68
C HIS B 260 0.75 17.22 -11.52
N LYS B 261 1.90 17.15 -12.18
CA LYS B 261 2.80 15.97 -12.13
C LYS B 261 3.35 15.83 -10.70
N LEU B 262 3.87 16.90 -10.13
CA LEU B 262 4.56 16.83 -8.81
C LEU B 262 3.55 16.40 -7.76
N LEU B 263 2.42 17.10 -7.68
CA LEU B 263 1.44 16.86 -6.59
C LEU B 263 0.72 15.54 -6.86
N GLY B 264 0.31 15.31 -8.11
CA GLY B 264 -0.43 14.09 -8.48
C GLY B 264 0.36 12.85 -8.12
N SER B 265 1.67 12.86 -8.37
CA SER B 265 2.56 11.72 -8.05
C SER B 265 2.68 11.56 -6.54
N TYR B 266 2.91 12.67 -5.83
CA TYR B 266 3.10 12.70 -4.36
C TYR B 266 1.89 12.12 -3.64
N LEU B 267 0.69 12.45 -4.12
CA LEU B 267 -0.52 12.15 -3.32
C LEU B 267 -0.86 10.65 -3.39
N GLU B 268 -0.32 9.91 -4.37
CA GLU B 268 -0.75 8.50 -4.60
C GLU B 268 -0.37 7.63 -3.39
N GLN B 269 0.57 8.06 -2.56
CA GLN B 269 1.01 7.26 -1.38
C GLN B 269 -0.08 7.24 -0.31
N PHE B 270 -1.01 8.19 -0.31
CA PHE B 270 -1.96 8.37 0.82
C PHE B 270 -3.17 7.44 0.68
N ASN B 271 -3.81 7.20 1.83
CA ASN B 271 -5.03 6.36 1.91
C ASN B 271 -6.28 7.16 1.49
N LEU B 272 -6.21 8.48 1.46
CA LEU B 272 -7.36 9.38 1.17
C LEU B 272 -6.80 10.61 0.49
N TYR B 273 -7.19 10.87 -0.76
CA TYR B 273 -6.74 12.08 -1.49
C TYR B 273 -7.67 12.38 -2.66
N ALA B 274 -7.66 13.64 -3.06
CA ALA B 274 -8.37 14.05 -4.30
C ALA B 274 -7.49 13.69 -5.50
N VAL B 275 -8.09 13.13 -6.55
CA VAL B 275 -7.38 12.86 -7.82
C VAL B 275 -7.57 14.07 -8.73
N PHE B 276 -6.66 15.03 -8.66
CA PHE B 276 -6.81 16.32 -9.36
C PHE B 276 -6.63 16.12 -10.87
N THR B 277 -7.51 16.74 -11.65
CA THR B 277 -7.32 16.96 -13.09
C THR B 277 -6.46 18.20 -13.29
N LYS B 278 -5.97 18.44 -14.50
CA LYS B 278 -5.18 19.64 -14.80
C LYS B 278 -6.04 20.89 -14.55
N GLU B 279 -7.34 20.85 -14.90
CA GLU B 279 -8.30 21.95 -14.69
CA GLU B 279 -8.21 22.03 -14.70
C GLU B 279 -8.37 22.28 -13.20
N GLU B 280 -8.46 21.24 -12.39
CA GLU B 280 -8.58 21.38 -10.92
C GLU B 280 -7.28 21.95 -10.33
N ILE B 281 -6.12 21.56 -10.88
CA ILE B 281 -4.82 22.13 -10.41
C ILE B 281 -4.85 23.65 -10.66
N ALA B 282 -5.23 24.06 -11.88
CA ALA B 282 -5.29 25.50 -12.23
C ALA B 282 -6.22 26.21 -11.24
N HIS B 283 -7.42 25.69 -10.98
CA HIS B 283 -8.38 26.35 -10.07
C HIS B 283 -7.81 26.42 -8.65
N TRP B 284 -7.38 25.28 -8.09
CA TRP B 284 -7.08 25.19 -6.64
C TRP B 284 -5.73 25.83 -6.29
N PHE B 285 -4.82 26.05 -7.24
CA PHE B 285 -3.44 26.50 -6.91
C PHE B 285 -3.09 27.88 -7.48
N LEU B 286 -3.64 28.29 -8.63
CA LEU B 286 -3.16 29.58 -9.20
C LEU B 286 -3.49 30.70 -8.22
N PRO B 287 -2.50 31.54 -7.86
CA PRO B 287 -2.68 32.46 -6.74
C PRO B 287 -3.77 33.51 -6.94
N ILE B 288 -4.46 33.79 -5.84
CA ILE B 288 -5.48 34.87 -5.69
C ILE B 288 -5.15 35.60 -4.39
N GLU B 289 -4.83 36.89 -4.48
CA GLU B 289 -4.45 37.69 -3.30
C GLU B 289 -5.51 37.53 -2.21
N ASN B 290 -5.04 37.29 -0.98
CA ASN B 290 -5.88 37.16 0.23
C ASN B 290 -6.81 35.93 0.13
N VAL B 291 -6.48 34.95 -0.72
CA VAL B 291 -7.30 33.72 -0.82
C VAL B 291 -6.36 32.50 -0.84
N ILE B 292 -5.58 32.35 -1.91
CA ILE B 292 -4.73 31.14 -2.12
C ILE B 292 -3.35 31.58 -2.60
N TYR B 293 -2.31 31.11 -1.92
CA TYR B 293 -0.88 31.37 -2.21
C TYR B 293 -0.22 30.05 -2.58
N THR B 294 0.35 29.96 -3.78
CA THR B 294 1.14 28.78 -4.23
C THR B 294 2.47 29.31 -4.74
N TYR B 295 3.55 28.74 -4.23
CA TYR B 295 4.92 29.03 -4.69
C TYR B 295 5.52 27.74 -5.26
N VAL B 296 6.37 27.89 -6.27
CA VAL B 296 7.01 26.73 -6.94
C VAL B 296 8.51 27.00 -7.05
N ASN B 297 9.25 25.90 -7.13
CA ASN B 297 10.70 25.94 -7.44
C ASN B 297 10.91 25.23 -8.78
N GLU B 298 11.31 25.98 -9.80
CA GLU B 298 11.52 25.42 -11.16
C GLU B 298 13.03 25.21 -11.35
N GLU B 299 13.44 23.99 -11.70
CA GLU B 299 14.88 23.65 -11.84
C GLU B 299 15.02 22.81 -13.11
N ASN B 300 15.82 23.27 -14.06
CA ASN B 300 16.11 22.55 -15.32
C ASN B 300 14.78 22.16 -15.98
N GLY B 301 13.85 23.11 -16.10
CA GLY B 301 12.57 22.97 -16.83
C GLY B 301 11.50 22.19 -16.08
N LYS B 302 11.74 21.78 -14.84
CA LYS B 302 10.79 20.93 -14.07
C LYS B 302 10.35 21.64 -12.79
N ILE B 303 9.09 21.48 -12.38
CA ILE B 303 8.63 21.94 -11.04
C ILE B 303 9.02 20.86 -10.04
N LYS B 304 9.96 21.17 -9.14
CA LYS B 304 10.58 20.16 -8.25
C LYS B 304 10.08 20.32 -6.82
N ASP B 305 9.51 21.47 -6.47
CA ASP B 305 9.04 21.74 -5.09
C ASP B 305 7.85 22.70 -5.16
N MET B 306 6.92 22.57 -4.22
CA MET B 306 5.80 23.53 -4.13
C MET B 306 5.42 23.77 -2.67
N ILE B 307 4.95 24.97 -2.41
CA ILE B 307 4.37 25.41 -1.12
C ILE B 307 2.99 25.98 -1.42
N SER B 308 1.98 25.67 -0.64
CA SER B 308 0.67 26.35 -0.77
C SER B 308 0.01 26.50 0.59
N PHE B 309 -0.67 27.63 0.76
CA PHE B 309 -1.48 27.92 1.96
C PHE B 309 -2.61 28.85 1.55
N TYR B 310 -3.73 28.76 2.25
CA TYR B 310 -4.90 29.63 2.02
C TYR B 310 -5.09 30.58 3.20
N SER B 311 -5.77 31.69 2.91
CA SER B 311 -6.07 32.76 3.88
C SER B 311 -7.44 32.49 4.51
N LEU B 312 -7.49 32.30 5.82
CA LEU B 312 -8.77 32.18 6.54
C LEU B 312 -8.67 32.96 7.84
N PRO B 313 -9.10 34.23 7.82
CA PRO B 313 -9.09 35.07 9.01
C PRO B 313 -10.11 34.56 10.03
N SER B 314 -9.83 34.81 11.31
CA SER B 314 -10.86 34.72 12.38
C SER B 314 -11.18 36.13 12.88
N GLN B 315 -12.46 36.39 13.06
CA GLN B 315 -12.91 37.54 13.86
C GLN B 315 -12.52 37.26 15.31
N ILE B 316 -11.90 38.23 15.98
CA ILE B 316 -11.51 38.08 17.40
C ILE B 316 -12.67 38.63 18.23
N LEU B 317 -13.37 37.78 18.97
CA LEU B 317 -14.64 38.17 19.61
C LEU B 317 -14.35 38.98 20.88
N GLY B 318 -14.90 40.20 20.94
CA GLY B 318 -14.90 41.05 22.15
C GLY B 318 -13.68 41.95 22.28
N ASN B 319 -12.64 41.80 21.45
CA ASN B 319 -11.35 42.51 21.65
C ASN B 319 -11.40 43.92 21.05
N ASP B 320 -10.96 44.89 21.84
CA ASP B 320 -11.05 46.36 21.59
C ASP B 320 -9.89 46.80 20.69
N LYS B 321 -8.75 46.15 20.82
CA LYS B 321 -7.51 46.52 20.09
C LYS B 321 -7.53 45.82 18.72
N TYR B 322 -7.86 44.53 18.71
CA TYR B 322 -7.74 43.67 17.51
C TYR B 322 -9.11 43.10 17.14
N SER B 323 -9.54 43.32 15.91
CA SER B 323 -10.83 42.76 15.42
C SER B 323 -10.59 41.47 14.60
N THR B 324 -9.39 41.30 14.04
CA THR B 324 -9.10 40.24 13.03
C THR B 324 -7.78 39.52 13.35
N LEU B 325 -7.81 38.19 13.32
CA LEU B 325 -6.59 37.35 13.29
C LEU B 325 -6.35 36.94 11.84
N ASN B 326 -5.22 37.32 11.25
CA ASN B 326 -4.86 36.93 9.87
C ASN B 326 -4.14 35.58 9.96
N ALA B 327 -4.75 34.50 9.46
CA ALA B 327 -4.23 33.13 9.61
C ALA B 327 -4.01 32.51 8.23
N ALA B 328 -2.85 31.90 8.03
CA ALA B 328 -2.53 31.07 6.85
C ALA B 328 -2.71 29.62 7.23
N TYR B 329 -3.34 28.82 6.37
CA TYR B 329 -3.57 27.38 6.63
C TYR B 329 -2.80 26.59 5.58
N SER B 330 -1.89 25.74 6.04
CA SER B 330 -1.14 24.80 5.19
C SER B 330 -2.10 24.06 4.26
N PHE B 331 -1.79 24.00 2.97
CA PHE B 331 -2.65 23.34 1.97
C PHE B 331 -1.89 22.12 1.44
N TYR B 332 -1.10 22.26 0.38
CA TYR B 332 -0.29 21.14 -0.15
C TYR B 332 1.16 21.57 -0.34
N ASN B 333 2.08 20.80 0.22
CA ASN B 333 3.53 21.12 0.21
C ASN B 333 4.30 19.87 -0.22
N VAL B 334 5.16 19.98 -1.23
CA VAL B 334 5.95 18.83 -1.75
C VAL B 334 7.38 19.30 -1.94
N THR B 335 8.35 18.51 -1.51
CA THR B 335 9.77 18.84 -1.81
C THR B 335 10.50 17.63 -2.36
N THR B 336 11.30 17.86 -3.41
CA THR B 336 12.26 16.85 -3.93
C THR B 336 13.68 17.37 -3.87
N THR B 337 13.92 18.67 -3.64
CA THR B 337 15.32 19.22 -3.59
C THR B 337 15.70 19.74 -2.20
N ALA B 338 14.83 19.63 -1.19
CA ALA B 338 15.12 20.08 0.19
C ALA B 338 14.52 19.06 1.16
N THR B 339 14.75 19.26 2.45
CA THR B 339 14.05 18.46 3.48
C THR B 339 12.66 19.02 3.67
N PHE B 340 11.75 18.20 4.16
CA PHE B 340 10.37 18.66 4.45
C PHE B 340 10.43 19.77 5.51
N LYS B 341 11.33 19.66 6.49
CA LYS B 341 11.52 20.76 7.49
C LYS B 341 11.93 22.05 6.77
N GLN B 342 12.89 22.00 5.85
CA GLN B 342 13.35 23.22 5.13
C GLN B 342 12.19 23.80 4.32
N LEU B 343 11.41 22.94 3.68
CA LEU B 343 10.25 23.39 2.87
C LEU B 343 9.22 24.10 3.77
N MET B 344 8.86 23.52 4.91
CA MET B 344 7.82 24.12 5.79
C MET B 344 8.39 25.36 6.48
N GLN B 345 9.71 25.44 6.70
CA GLN B 345 10.33 26.67 7.23
C GLN B 345 10.11 27.78 6.20
N ASP B 346 10.31 27.48 4.92
CA ASP B 346 10.05 28.46 3.82
C ASP B 346 8.57 28.83 3.78
N ALA B 347 7.66 27.88 4.01
CA ALA B 347 6.20 28.15 4.01
C ALA B 347 5.87 29.17 5.11
N ILE B 348 6.45 29.00 6.30
CA ILE B 348 6.24 29.95 7.42
C ILE B 348 6.75 31.33 7.01
N LEU B 349 7.93 31.39 6.38
CA LEU B 349 8.53 32.68 5.98
C LEU B 349 7.64 33.34 4.93
N LEU B 350 7.15 32.59 3.95
CA LEU B 350 6.27 33.17 2.91
C LEU B 350 4.97 33.67 3.54
N ALA B 351 4.40 32.99 4.53
CA ALA B 351 3.22 33.49 5.26
C ALA B 351 3.57 34.79 5.99
N LYS B 352 4.72 34.81 6.65
CA LYS B 352 5.16 36.03 7.38
C LYS B 352 5.30 37.20 6.38
N ARG B 353 5.90 36.96 5.22
CA ARG B 353 6.11 38.03 4.20
C ARG B 353 4.76 38.56 3.68
N ASN B 354 3.69 37.77 3.78
CA ASN B 354 2.33 38.10 3.30
C ASN B 354 1.44 38.57 4.47
N ASN B 355 2.06 38.95 5.59
CA ASN B 355 1.41 39.70 6.71
C ASN B 355 0.49 38.79 7.51
N PHE B 356 0.69 37.48 7.51
CA PHE B 356 -0.09 36.57 8.39
C PHE B 356 0.44 36.61 9.82
N ASP B 357 -0.46 36.42 10.79
CA ASP B 357 -0.16 36.45 12.25
C ASP B 357 0.23 35.07 12.76
N VAL B 358 -0.20 34.03 12.06
CA VAL B 358 -0.05 32.63 12.51
C VAL B 358 -0.12 31.75 11.27
N PHE B 359 0.60 30.64 11.34
CA PHE B 359 0.60 29.58 10.31
C PHE B 359 0.02 28.34 10.98
N ASN B 360 -1.13 27.89 10.47
CA ASN B 360 -1.87 26.72 11.01
C ASN B 360 -1.66 25.50 10.13
N ALA B 361 -1.56 24.32 10.73
CA ALA B 361 -1.45 23.05 9.96
C ALA B 361 -2.07 21.89 10.74
N LEU B 362 -2.57 20.91 9.98
CA LEU B 362 -3.03 19.61 10.54
C LEU B 362 -1.87 18.61 10.55
N GLU B 363 -1.96 17.60 11.42
CA GLU B 363 -0.98 16.48 11.44
C GLU B 363 -1.32 15.49 10.30
N VAL B 364 -1.47 15.99 9.07
CA VAL B 364 -1.71 15.15 7.88
C VAL B 364 -0.45 15.14 7.02
N MET B 365 -0.38 14.21 6.07
CA MET B 365 0.79 14.05 5.17
C MET B 365 2.06 14.05 6.04
N GLN B 366 3.12 14.78 5.67
CA GLN B 366 4.40 14.75 6.42
C GLN B 366 4.44 15.85 7.49
N ASN B 367 3.33 16.52 7.79
CA ASN B 367 3.37 17.78 8.59
C ASN B 367 3.85 17.51 10.01
N LYS B 368 3.40 16.43 10.68
CA LYS B 368 3.70 16.33 12.14
C LYS B 368 5.22 16.23 12.34
N SER B 369 5.94 15.69 11.36
CA SER B 369 7.40 15.46 11.45
C SER B 369 8.17 16.78 11.67
N VAL B 370 7.58 17.93 11.33
CA VAL B 370 8.30 19.25 11.42
C VAL B 370 7.81 20.06 12.62
N PHE B 371 6.74 19.67 13.30
CA PHE B 371 6.07 20.56 14.29
C PHE B 371 7.02 20.91 15.43
N GLU B 372 7.76 19.96 15.99
CA GLU B 372 8.63 20.24 17.15
C GLU B 372 9.78 21.16 16.73
N ASP B 373 10.48 20.81 15.66
CA ASP B 373 11.69 21.56 15.20
C ASP B 373 11.30 22.99 14.80
N LEU B 374 10.11 23.19 14.23
CA LEU B 374 9.71 24.52 13.70
C LEU B 374 8.83 25.27 14.70
N LYS B 375 8.75 24.80 15.94
CA LYS B 375 8.20 25.59 17.08
C LYS B 375 6.69 25.76 16.93
N PHE B 376 6.01 24.77 16.35
CA PHE B 376 4.54 24.71 16.37
C PHE B 376 4.07 24.30 17.76
N GLY B 377 2.94 24.85 18.18
CA GLY B 377 2.25 24.49 19.43
C GLY B 377 1.02 23.66 19.14
N GLU B 378 0.78 22.62 19.93
CA GLU B 378 -0.44 21.78 19.80
C GLU B 378 -1.66 22.66 20.10
N GLY B 379 -2.69 22.58 19.27
CA GLY B 379 -3.96 23.28 19.44
C GLY B 379 -4.90 22.62 20.45
N ASP B 380 -6.15 23.07 20.49
CA ASP B 380 -7.16 22.74 21.51
C ASP B 380 -8.03 21.57 21.05
N GLY B 381 -7.85 21.10 19.84
CA GLY B 381 -8.74 20.03 19.36
C GLY B 381 -8.30 19.43 18.05
N SER B 382 -9.20 18.74 17.41
CA SER B 382 -8.88 17.98 16.18
C SER B 382 -9.98 18.15 15.15
N LEU B 383 -9.59 17.91 13.91
CA LEU B 383 -10.50 17.89 12.76
C LEU B 383 -10.70 16.43 12.33
N LYS B 384 -11.96 16.00 12.36
CA LYS B 384 -12.34 14.63 11.97
C LYS B 384 -12.65 14.63 10.47
N TYR B 385 -12.17 13.60 9.79
CA TYR B 385 -12.49 13.30 8.38
C TYR B 385 -13.56 12.23 8.34
N TYR B 386 -14.56 12.44 7.49
CA TYR B 386 -15.71 11.52 7.34
C TYR B 386 -15.97 11.18 5.87
N LEU B 387 -16.48 9.98 5.65
CA LEU B 387 -17.10 9.61 4.34
C LEU B 387 -18.56 9.25 4.58
N TYR B 388 -19.38 9.61 3.61
CA TYR B 388 -20.83 9.26 3.59
C TYR B 388 -21.04 8.08 2.64
N ASN B 389 -21.73 7.05 3.12
CA ASN B 389 -22.06 5.83 2.33
C ASN B 389 -20.78 5.12 1.88
N TRP B 390 -19.84 4.96 2.80
CA TRP B 390 -18.58 4.22 2.51
C TRP B 390 -18.10 3.51 3.76
N LYS B 391 -17.89 2.21 3.62
CA LYS B 391 -17.45 1.25 4.66
C LYS B 391 -15.96 0.95 4.40
N CYS B 392 -15.06 1.29 5.33
CA CYS B 392 -13.62 1.00 5.17
C CYS B 392 -12.89 1.12 6.51
N ALA B 393 -11.63 0.67 6.52
CA ALA B 393 -10.73 0.81 7.67
C ALA B 393 -10.39 2.28 7.91
N SER B 394 -10.38 2.67 9.18
CA SER B 394 -9.81 3.97 9.60
C SER B 394 -8.28 3.88 9.61
N PHE B 395 -7.64 5.03 9.71
CA PHE B 395 -6.16 5.09 9.68
C PHE B 395 -5.69 6.37 10.37
N ALA B 396 -4.42 6.37 10.71
CA ALA B 396 -3.72 7.51 11.32
C ALA B 396 -3.65 8.67 10.34
N PRO B 397 -3.65 9.91 10.87
CA PRO B 397 -3.76 11.11 10.02
C PRO B 397 -2.57 11.37 9.08
N ALA B 398 -1.39 10.80 9.33
CA ALA B 398 -0.26 10.92 8.37
C ALA B 398 -0.63 10.23 7.05
N HIS B 399 -1.60 9.30 7.04
CA HIS B 399 -2.09 8.64 5.79
C HIS B 399 -3.19 9.46 5.11
N VAL B 400 -3.59 10.60 5.68
CA VAL B 400 -4.57 11.53 5.02
C VAL B 400 -3.78 12.41 4.05
N GLY B 401 -4.22 12.46 2.78
CA GLY B 401 -3.60 13.29 1.73
C GLY B 401 -4.54 14.33 1.16
N ILE B 402 -5.47 14.84 1.95
CA ILE B 402 -6.42 15.89 1.49
C ILE B 402 -6.66 16.90 2.61
N VAL B 403 -6.72 18.16 2.22
CA VAL B 403 -7.06 19.29 3.11
C VAL B 403 -8.30 19.97 2.55
N LEU B 404 -9.39 19.99 3.32
CA LEU B 404 -10.64 20.68 2.94
C LEU B 404 -10.56 22.12 3.48
N LEU B 405 -11.36 23.01 2.93
CA LEU B 405 -11.26 24.44 3.27
C LEU B 405 -12.02 24.77 4.54
N ASP C 22 19.89 -22.39 -17.77
CA ASP C 22 20.61 -21.53 -18.77
C ASP C 22 19.89 -20.16 -18.95
N TYR C 23 18.87 -20.09 -19.80
CA TYR C 23 18.05 -18.89 -20.13
C TYR C 23 18.91 -17.67 -20.51
N LYS C 24 19.86 -17.85 -21.43
CA LYS C 24 20.77 -16.74 -21.84
C LYS C 24 20.00 -15.65 -22.59
N PHE C 25 18.92 -15.97 -23.31
CA PHE C 25 18.06 -14.93 -23.91
C PHE C 25 17.16 -14.33 -22.83
N TRP C 26 16.40 -15.17 -22.13
CA TRP C 26 15.38 -14.65 -21.18
C TRP C 26 16.01 -13.76 -20.11
N TYR C 27 17.25 -14.05 -19.70
CA TYR C 27 17.87 -13.27 -18.59
CA TYR C 27 18.06 -13.31 -18.68
C TYR C 27 18.25 -11.86 -19.06
N THR C 28 18.24 -11.56 -20.38
CA THR C 28 18.45 -10.18 -20.91
C THR C 28 17.14 -9.38 -20.90
N GLN C 29 16.02 -10.04 -20.64
CA GLN C 29 14.67 -9.44 -20.79
C GLN C 29 14.14 -9.00 -19.43
N PRO C 30 13.19 -8.04 -19.39
CA PRO C 30 12.52 -7.64 -18.15
C PRO C 30 11.44 -8.64 -17.72
N VAL C 31 11.89 -9.81 -17.28
CA VAL C 31 11.07 -10.91 -16.71
C VAL C 31 11.79 -11.39 -15.46
N PRO C 32 11.09 -12.12 -14.57
CA PRO C 32 11.73 -12.62 -13.36
C PRO C 32 12.87 -13.59 -13.71
N LYS C 33 13.90 -13.60 -12.89
CA LYS C 33 14.89 -14.71 -12.83
C LYS C 33 14.18 -15.95 -12.29
N ILE C 34 14.69 -17.14 -12.59
CA ILE C 34 13.98 -18.42 -12.34
C ILE C 34 13.74 -18.65 -10.83
N ASN C 35 14.57 -18.08 -9.95
CA ASN C 35 14.47 -18.30 -8.48
C ASN C 35 13.75 -17.11 -7.83
N ASP C 36 13.25 -16.15 -8.61
CA ASP C 36 12.66 -14.89 -8.08
C ASP C 36 11.29 -15.19 -7.44
N GLU C 37 11.03 -14.60 -6.29
CA GLU C 37 9.69 -14.53 -5.67
C GLU C 37 9.46 -13.09 -5.25
N PHE C 38 8.27 -12.57 -5.49
CA PHE C 38 7.89 -11.19 -5.14
C PHE C 38 6.76 -11.23 -4.12
N ASN C 39 6.80 -10.29 -3.20
CA ASN C 39 5.77 -10.14 -2.15
C ASN C 39 4.47 -9.59 -2.76
N GLU C 40 3.37 -9.86 -2.06
CA GLU C 40 1.98 -9.44 -2.44
C GLU C 40 1.91 -7.93 -2.67
N SER C 41 2.71 -7.15 -1.96
CA SER C 41 2.70 -5.67 -2.06
C SER C 41 3.40 -5.19 -3.34
N VAL C 42 4.02 -6.08 -4.12
CA VAL C 42 4.76 -5.68 -5.35
C VAL C 42 3.83 -5.91 -6.55
N ASN C 43 3.61 -4.89 -7.37
CA ASN C 43 2.71 -5.02 -8.54
C ASN C 43 3.03 -3.87 -9.49
N GLU C 44 4.09 -4.03 -10.27
CA GLU C 44 4.66 -2.89 -11.04
C GLU C 44 5.54 -3.43 -12.15
N PRO C 45 5.91 -2.59 -13.14
CA PRO C 45 6.87 -3.00 -14.16
C PRO C 45 8.27 -3.27 -13.58
N PHE C 46 9.06 -4.07 -14.29
CA PHE C 46 10.54 -4.09 -14.10
C PHE C 46 11.12 -2.75 -14.56
N ILE C 47 10.66 -2.26 -15.71
CA ILE C 47 11.18 -1.01 -16.34
C ILE C 47 9.99 -0.10 -16.64
N SER C 48 10.00 1.07 -15.99
CA SER C 48 9.00 2.15 -16.11
CA SER C 48 8.99 2.14 -16.14
C SER C 48 9.63 3.33 -16.87
N ASP C 49 8.83 4.35 -17.18
CA ASP C 49 9.31 5.61 -17.82
C ASP C 49 9.84 5.31 -19.23
N ASN C 50 9.23 4.34 -19.92
CA ASN C 50 9.62 3.96 -21.30
C ASN C 50 9.17 5.05 -22.27
N LYS C 51 9.90 5.24 -23.36
CA LYS C 51 9.64 6.32 -24.34
C LYS C 51 9.55 5.73 -25.75
N VAL C 52 8.42 5.95 -26.40
CA VAL C 52 8.24 5.56 -27.84
C VAL C 52 9.36 6.18 -28.70
N GLU C 53 9.77 7.43 -28.43
N GLU C 53 9.76 7.41 -28.37
CA GLU C 53 10.78 8.12 -29.27
CA GLU C 53 10.77 8.23 -29.10
C GLU C 53 12.07 7.30 -29.27
C GLU C 53 12.11 7.48 -29.14
N ASP C 54 12.37 6.59 -28.17
CA ASP C 54 13.66 5.90 -28.00
C ASP C 54 13.63 4.47 -28.60
N VAL C 55 12.46 3.95 -28.97
CA VAL C 55 12.32 2.56 -29.48
C VAL C 55 13.10 2.43 -30.79
N ARG C 56 13.79 1.30 -30.98
CA ARG C 56 14.49 0.99 -32.26
C ARG C 56 13.50 1.14 -33.42
N LYS C 57 13.87 1.85 -34.47
CA LYS C 57 12.98 2.07 -35.65
C LYS C 57 13.38 1.08 -36.73
N ASP C 58 14.47 0.32 -36.54
CA ASP C 58 14.98 -0.69 -37.51
C ASP C 58 14.49 -2.09 -37.14
N GLU C 59 14.01 -2.85 -38.12
CA GLU C 59 13.70 -4.29 -37.94
C GLU C 59 14.96 -5.05 -37.51
N TYR C 60 14.79 -6.02 -36.61
CA TYR C 60 15.88 -6.93 -36.21
C TYR C 60 16.42 -7.65 -37.45
N LYS C 61 17.71 -7.96 -37.41
CA LYS C 61 18.40 -8.63 -38.52
C LYS C 61 18.06 -10.13 -38.49
N LEU C 62 17.82 -10.69 -39.68
CA LEU C 62 17.63 -12.14 -39.92
C LEU C 62 18.86 -12.68 -40.64
N PRO C 63 19.08 -14.01 -40.60
CA PRO C 63 20.21 -14.62 -41.30
C PRO C 63 20.03 -14.48 -42.81
N PRO C 64 21.13 -14.65 -43.57
CA PRO C 64 21.07 -14.51 -45.02
C PRO C 64 20.04 -15.45 -45.65
N GLY C 65 19.20 -14.88 -46.52
CA GLY C 65 18.14 -15.56 -47.28
C GLY C 65 16.79 -15.53 -46.61
N TYR C 66 16.67 -14.89 -45.44
CA TYR C 66 15.39 -14.81 -44.69
C TYR C 66 14.94 -13.36 -44.67
N SER C 67 13.63 -13.14 -44.79
CA SER C 67 13.01 -11.79 -44.88
CA SER C 67 13.04 -11.78 -44.84
C SER C 67 11.79 -11.70 -43.96
N TRP C 68 11.58 -10.53 -43.35
CA TRP C 68 10.30 -10.24 -42.67
C TRP C 68 9.20 -10.19 -43.72
N TYR C 69 8.02 -10.60 -43.33
CA TYR C 69 6.83 -10.53 -44.21
C TYR C 69 5.65 -9.93 -43.44
N VAL C 70 4.94 -9.03 -44.11
CA VAL C 70 3.71 -8.41 -43.54
C VAL C 70 2.54 -9.34 -43.87
N CYS C 71 2.10 -10.11 -42.87
CA CYS C 71 0.98 -11.07 -43.06
C CYS C 71 -0.32 -10.27 -43.02
N ASP C 72 -1.08 -10.26 -44.11
CA ASP C 72 -2.45 -9.69 -44.12
C ASP C 72 -3.43 -10.82 -43.83
N VAL C 73 -3.86 -10.97 -42.58
CA VAL C 73 -4.68 -12.15 -42.16
CA VAL C 73 -4.66 -12.17 -42.19
C VAL C 73 -6.05 -12.10 -42.84
N LYS C 74 -6.47 -10.93 -43.33
CA LYS C 74 -7.77 -10.78 -44.06
C LYS C 74 -7.63 -11.20 -45.51
N ASP C 75 -6.40 -11.38 -46.00
CA ASP C 75 -6.11 -11.88 -47.36
C ASP C 75 -6.12 -13.42 -47.34
N GLU C 76 -6.99 -14.05 -48.14
CA GLU C 76 -7.13 -15.53 -48.11
C GLU C 76 -5.77 -16.22 -48.32
N LYS C 77 -4.96 -15.71 -49.24
CA LYS C 77 -3.67 -16.37 -49.58
C LYS C 77 -2.71 -16.28 -48.38
N ASP C 78 -2.53 -15.10 -47.81
CA ASP C 78 -1.63 -14.91 -46.65
C ASP C 78 -2.13 -15.78 -45.49
N ARG C 79 -3.44 -15.78 -45.26
CA ARG C 79 -4.02 -16.55 -44.13
C ARG C 79 -3.76 -18.04 -44.34
N SER C 80 -3.87 -18.53 -45.58
N SER C 80 -3.91 -18.52 -45.57
CA SER C 80 -3.66 -19.96 -45.91
CA SER C 80 -3.64 -19.94 -45.95
C SER C 80 -2.18 -20.34 -45.72
C SER C 80 -2.20 -20.30 -45.60
N GLU C 81 -1.25 -19.39 -45.89
CA GLU C 81 0.21 -19.60 -45.67
CA GLU C 81 0.19 -19.69 -45.69
C GLU C 81 0.47 -19.76 -44.17
N ILE C 82 -0.15 -18.90 -43.36
CA ILE C 82 -0.05 -19.03 -41.87
C ILE C 82 -0.64 -20.39 -41.47
N TYR C 83 -1.82 -20.72 -41.97
CA TYR C 83 -2.51 -21.99 -41.65
C TYR C 83 -1.56 -23.16 -41.90
N THR C 84 -0.92 -23.21 -43.07
CA THR C 84 -0.09 -24.37 -43.45
C THR C 84 1.15 -24.38 -42.56
N LEU C 85 1.76 -23.22 -42.30
CA LEU C 85 2.93 -23.20 -41.38
C LEU C 85 2.55 -23.85 -40.04
N LEU C 86 1.45 -23.43 -39.43
CA LEU C 86 1.10 -23.94 -38.07
C LEU C 86 0.64 -25.40 -38.17
N THR C 87 -0.11 -25.77 -39.22
CA THR C 87 -0.59 -27.17 -39.42
C THR C 87 0.60 -28.12 -39.40
N ASP C 88 1.73 -27.72 -39.99
CA ASP C 88 2.92 -28.60 -40.19
C ASP C 88 3.89 -28.48 -39.01
N ASN C 89 3.90 -27.34 -38.29
CA ASN C 89 5.05 -27.02 -37.40
C ASN C 89 4.66 -26.52 -36.01
N TYR C 90 3.38 -26.50 -35.63
CA TYR C 90 2.98 -25.91 -34.33
C TYR C 90 3.05 -27.00 -33.26
N VAL C 91 2.36 -26.77 -32.13
CA VAL C 91 2.53 -27.50 -30.84
C VAL C 91 2.08 -28.95 -31.02
N GLU C 92 2.90 -29.89 -30.54
CA GLU C 92 2.58 -31.34 -30.42
C GLU C 92 2.57 -31.72 -28.93
N ASP C 93 1.86 -32.79 -28.57
CA ASP C 93 1.93 -33.38 -27.22
C ASP C 93 3.34 -33.96 -27.01
N ASP C 94 3.74 -34.19 -25.75
CA ASP C 94 5.09 -34.72 -25.37
C ASP C 94 5.42 -35.98 -26.17
N ASP C 95 4.41 -36.78 -26.56
CA ASP C 95 4.56 -38.12 -27.19
C ASP C 95 4.39 -38.05 -28.72
N ASN C 96 4.08 -36.87 -29.30
CA ASN C 96 4.14 -36.62 -30.76
C ASN C 96 3.09 -37.47 -31.51
N ILE C 97 1.91 -37.62 -30.91
CA ILE C 97 0.71 -38.30 -31.49
C ILE C 97 -0.19 -37.27 -32.18
N PHE C 98 -0.27 -36.07 -31.61
CA PHE C 98 -1.21 -34.99 -32.00
C PHE C 98 -0.45 -33.70 -32.27
N ARG C 99 -0.95 -32.91 -33.22
CA ARG C 99 -0.45 -31.53 -33.46
CA ARG C 99 -0.45 -31.53 -33.48
C ARG C 99 -1.65 -30.59 -33.56
N PHE C 100 -1.61 -29.49 -32.82
CA PHE C 100 -2.68 -28.46 -32.87
C PHE C 100 -2.91 -28.08 -34.33
N ASN C 101 -4.17 -27.94 -34.71
CA ASN C 101 -4.59 -27.66 -36.10
C ASN C 101 -5.64 -26.53 -36.10
N TYR C 102 -5.24 -25.34 -35.64
CA TYR C 102 -6.08 -24.13 -35.72
C TYR C 102 -6.55 -23.95 -37.17
N SER C 103 -7.85 -23.77 -37.40
CA SER C 103 -8.37 -23.58 -38.78
C SER C 103 -8.03 -22.18 -39.31
N ALA C 104 -8.09 -22.01 -40.61
CA ALA C 104 -7.89 -20.69 -41.24
C ALA C 104 -8.93 -19.72 -40.70
N GLU C 105 -10.18 -20.14 -40.53
CA GLU C 105 -11.26 -19.23 -40.03
C GLU C 105 -11.00 -18.90 -38.57
N PHE C 106 -10.49 -19.85 -37.79
CA PHE C 106 -10.13 -19.58 -36.38
C PHE C 106 -9.07 -18.47 -36.36
N LEU C 107 -8.04 -18.60 -37.20
CA LEU C 107 -6.92 -17.61 -37.19
C LEU C 107 -7.47 -16.23 -37.53
N LEU C 108 -8.41 -16.13 -38.45
CA LEU C 108 -9.03 -14.83 -38.82
C LEU C 108 -9.64 -14.21 -37.55
N TRP C 109 -10.46 -14.99 -36.85
CA TRP C 109 -11.14 -14.54 -35.60
C TRP C 109 -10.12 -14.15 -34.53
N ALA C 110 -9.13 -15.00 -34.30
CA ALA C 110 -8.15 -14.85 -33.20
C ALA C 110 -7.33 -13.57 -33.38
N LEU C 111 -7.13 -13.11 -34.62
CA LEU C 111 -6.11 -12.07 -34.90
C LEU C 111 -6.73 -10.72 -35.31
N THR C 112 -8.03 -10.64 -35.51
CA THR C 112 -8.70 -9.39 -35.97
C THR C 112 -9.72 -8.88 -34.95
N SER C 113 -9.40 -9.04 -33.66
CA SER C 113 -10.18 -8.50 -32.53
C SER C 113 -10.13 -6.98 -32.55
N PRO C 114 -10.99 -6.28 -31.77
CA PRO C 114 -11.09 -4.83 -31.87
C PRO C 114 -9.74 -4.12 -31.68
N ASN C 115 -9.48 -3.16 -32.55
CA ASN C 115 -8.28 -2.28 -32.49
C ASN C 115 -7.01 -3.10 -32.75
N TYR C 116 -7.11 -4.25 -33.41
CA TYR C 116 -5.91 -5.03 -33.76
C TYR C 116 -4.98 -4.19 -34.65
N LEU C 117 -3.70 -4.53 -34.57
CA LEU C 117 -2.61 -3.91 -35.37
C LEU C 117 -2.14 -4.90 -36.43
N LYS C 118 -2.18 -4.50 -37.70
CA LYS C 118 -1.61 -5.27 -38.84
C LYS C 118 -0.11 -5.48 -38.65
N THR C 119 0.58 -4.54 -37.99
CA THR C 119 2.04 -4.60 -37.74
C THR C 119 2.37 -5.76 -36.78
N TRP C 120 1.39 -6.28 -36.03
CA TRP C 120 1.68 -7.31 -35.01
C TRP C 120 1.41 -8.72 -35.54
N HIS C 121 1.16 -8.87 -36.85
CA HIS C 121 1.01 -10.19 -37.53
C HIS C 121 2.28 -10.41 -38.35
N ILE C 122 3.27 -11.08 -37.76
CA ILE C 122 4.65 -11.05 -38.31
C ILE C 122 5.01 -12.41 -38.89
N GLY C 123 5.35 -12.41 -40.17
CA GLY C 123 5.91 -13.61 -40.81
C GLY C 123 7.38 -13.49 -41.07
N VAL C 124 8.04 -14.63 -41.22
CA VAL C 124 9.42 -14.71 -41.78
C VAL C 124 9.36 -15.67 -42.97
N LYS C 125 9.82 -15.22 -44.13
CA LYS C 125 9.89 -16.07 -45.34
C LYS C 125 11.33 -16.49 -45.59
N TYR C 126 11.49 -17.68 -46.16
CA TYR C 126 12.76 -18.10 -46.80
C TYR C 126 12.69 -17.64 -48.26
N ASP C 127 13.63 -16.77 -48.67
CA ASP C 127 13.58 -16.11 -50.00
C ASP C 127 13.74 -17.15 -51.11
N ALA C 128 14.40 -18.27 -50.86
CA ALA C 128 14.63 -19.32 -51.88
C ALA C 128 13.30 -19.94 -52.31
N SER C 129 12.33 -20.04 -51.40
CA SER C 129 11.06 -20.78 -51.61
C SER C 129 9.86 -19.83 -51.61
N ASN C 130 10.01 -18.61 -51.10
CA ASN C 130 8.90 -17.63 -50.91
C ASN C 130 7.84 -18.23 -49.99
N LYS C 131 8.24 -19.10 -49.05
CA LYS C 131 7.32 -19.76 -48.09
C LYS C 131 7.62 -19.29 -46.67
N LEU C 132 6.58 -19.22 -45.84
CA LEU C 132 6.76 -18.86 -44.42
C LEU C 132 7.53 -19.97 -43.73
N ILE C 133 8.50 -19.60 -42.91
CA ILE C 133 9.21 -20.56 -42.02
C ILE C 133 9.10 -20.09 -40.57
N GLY C 134 8.47 -18.93 -40.33
CA GLY C 134 8.32 -18.39 -38.98
C GLY C 134 7.14 -17.47 -38.87
N PHE C 135 6.56 -17.39 -37.68
CA PHE C 135 5.41 -16.51 -37.39
C PHE C 135 5.39 -16.16 -35.92
N ILE C 136 4.89 -14.98 -35.60
CA ILE C 136 4.52 -14.60 -34.22
C ILE C 136 3.41 -13.55 -34.34
N SER C 137 2.52 -13.47 -33.36
CA SER C 137 1.40 -12.51 -33.42
C SER C 137 1.09 -11.96 -32.05
N ALA C 138 0.37 -10.85 -32.03
CA ALA C 138 -0.23 -10.31 -30.80
C ALA C 138 -1.49 -9.53 -31.16
N ILE C 139 -2.39 -9.41 -30.20
CA ILE C 139 -3.54 -8.48 -30.24
C ILE C 139 -3.53 -7.68 -28.95
N PRO C 140 -4.06 -6.43 -28.98
CA PRO C 140 -4.10 -5.59 -27.80
C PRO C 140 -5.32 -5.88 -26.91
N THR C 141 -5.14 -5.77 -25.61
CA THR C 141 -6.27 -5.94 -24.66
C THR C 141 -5.90 -5.25 -23.34
N ASP C 142 -6.89 -4.80 -22.59
CA ASP C 142 -6.68 -4.31 -21.21
C ASP C 142 -6.63 -5.54 -20.29
N ILE C 143 -5.58 -5.67 -19.49
CA ILE C 143 -5.36 -6.82 -18.56
C ILE C 143 -5.33 -6.24 -17.16
N CYS C 144 -6.16 -6.78 -16.30
CA CYS C 144 -6.18 -6.42 -14.87
C CYS C 144 -5.35 -7.47 -14.11
N ILE C 145 -4.23 -7.05 -13.53
CA ILE C 145 -3.31 -7.92 -12.75
C ILE C 145 -3.28 -7.39 -11.31
N HIS C 146 -3.73 -8.20 -10.36
CA HIS C 146 -3.79 -7.83 -8.91
C HIS C 146 -4.46 -6.45 -8.78
N LYS C 147 -5.59 -6.27 -9.49
CA LYS C 147 -6.53 -5.12 -9.36
CA LYS C 147 -6.53 -5.12 -9.36
C LYS C 147 -6.00 -3.88 -10.09
N ARG C 148 -4.89 -3.99 -10.82
CA ARG C 148 -4.32 -2.88 -11.64
C ARG C 148 -4.53 -3.16 -13.12
N THR C 149 -5.15 -2.24 -13.85
CA THR C 149 -5.46 -2.43 -15.30
C THR C 149 -4.38 -1.79 -16.17
N ILE C 150 -3.77 -2.60 -17.04
CA ILE C 150 -2.63 -2.23 -17.90
C ILE C 150 -2.97 -2.59 -19.34
N LYS C 151 -2.72 -1.70 -20.30
CA LYS C 151 -2.82 -2.07 -21.72
C LYS C 151 -1.69 -3.04 -22.05
N MET C 152 -2.03 -4.20 -22.61
CA MET C 152 -1.02 -5.24 -22.89
C MET C 152 -1.20 -5.77 -24.31
N ALA C 153 -0.13 -6.36 -24.83
CA ALA C 153 -0.15 -7.27 -25.98
C ALA C 153 -0.40 -8.69 -25.48
N GLU C 154 -1.30 -9.41 -26.15
CA GLU C 154 -1.52 -10.85 -25.93
C GLU C 154 -0.81 -11.60 -27.05
N VAL C 155 0.32 -12.26 -26.74
CA VAL C 155 1.20 -12.87 -27.78
C VAL C 155 0.80 -14.34 -27.93
N ASN C 156 0.76 -14.80 -29.19
CA ASN C 156 0.37 -16.20 -29.47
C ASN C 156 0.93 -16.60 -30.84
N PHE C 157 0.91 -17.90 -31.12
CA PHE C 157 1.19 -18.52 -32.44
C PHE C 157 2.66 -18.31 -32.83
N LEU C 158 3.55 -18.19 -31.85
CA LEU C 158 5.01 -18.25 -32.13
C LEU C 158 5.33 -19.62 -32.71
N CYS C 159 5.96 -19.66 -33.88
CA CYS C 159 6.22 -20.93 -34.59
C CYS C 159 7.45 -20.78 -35.47
N VAL C 160 8.38 -21.71 -35.38
CA VAL C 160 9.54 -21.85 -36.29
C VAL C 160 9.44 -23.21 -36.98
N HIS C 161 9.71 -23.26 -38.28
CA HIS C 161 9.67 -24.50 -39.08
C HIS C 161 10.51 -25.58 -38.40
N LYS C 162 10.03 -26.82 -38.40
CA LYS C 162 10.74 -27.97 -37.78
C LYS C 162 12.18 -28.07 -38.27
N THR C 163 12.48 -27.74 -39.52
CA THR C 163 13.85 -27.90 -40.09
C THR C 163 14.79 -26.79 -39.61
N LEU C 164 14.30 -25.75 -38.91
CA LEU C 164 15.14 -24.59 -38.48
C LEU C 164 15.12 -24.44 -36.96
N ARG C 165 14.83 -25.52 -36.23
CA ARG C 165 14.78 -25.50 -34.76
C ARG C 165 16.18 -25.38 -34.15
N SER C 166 16.26 -24.74 -32.98
CA SER C 166 17.47 -24.60 -32.13
C SER C 166 18.55 -23.80 -32.87
N LYS C 167 18.16 -22.79 -33.64
CA LYS C 167 19.09 -21.87 -34.36
C LYS C 167 18.94 -20.44 -33.84
N ARG C 168 18.22 -20.26 -32.73
CA ARG C 168 18.04 -18.93 -32.09
C ARG C 168 17.21 -18.00 -32.99
N LEU C 169 16.27 -18.53 -33.79
CA LEU C 169 15.30 -17.67 -34.52
C LEU C 169 14.22 -17.16 -33.57
N ALA C 170 13.82 -17.93 -32.56
CA ALA C 170 12.67 -17.52 -31.72
C ALA C 170 12.96 -16.19 -31.03
N PRO C 171 14.16 -15.96 -30.42
CA PRO C 171 14.46 -14.66 -29.81
C PRO C 171 14.34 -13.50 -30.82
N VAL C 172 14.65 -13.75 -32.10
CA VAL C 172 14.53 -12.66 -33.11
C VAL C 172 13.05 -12.29 -33.28
N LEU C 173 12.20 -13.30 -33.42
CA LEU C 173 10.73 -13.07 -33.55
C LEU C 173 10.24 -12.33 -32.30
N ILE C 174 10.70 -12.73 -31.12
CA ILE C 174 10.23 -12.13 -29.83
C ILE C 174 10.71 -10.68 -29.76
N LYS C 175 11.97 -10.41 -30.10
CA LYS C 175 12.50 -9.02 -30.01
C LYS C 175 11.78 -8.13 -31.03
N GLU C 176 11.51 -8.65 -32.22
CA GLU C 176 10.87 -7.84 -33.28
C GLU C 176 9.43 -7.51 -32.87
N ILE C 177 8.65 -8.48 -32.36
CA ILE C 177 7.26 -8.11 -31.98
C ILE C 177 7.29 -7.17 -30.78
N THR C 178 8.25 -7.33 -29.87
CA THR C 178 8.39 -6.42 -28.71
C THR C 178 8.57 -5.00 -29.22
N ARG C 179 9.46 -4.82 -30.20
CA ARG C 179 9.77 -3.50 -30.80
C ARG C 179 8.49 -2.88 -31.36
N ARG C 180 7.70 -3.65 -32.12
CA ARG C 180 6.48 -3.16 -32.81
C ARG C 180 5.36 -2.86 -31.80
N ILE C 181 5.31 -3.60 -30.70
CA ILE C 181 4.34 -3.35 -29.59
C ILE C 181 4.73 -2.06 -28.88
N ASN C 182 6.03 -1.88 -28.63
CA ASN C 182 6.54 -0.67 -27.93
C ASN C 182 6.22 0.59 -28.76
N LEU C 183 6.18 0.48 -30.10
CA LEU C 183 5.85 1.65 -30.96
C LEU C 183 4.38 2.04 -30.81
N GLU C 184 3.57 1.23 -30.12
CA GLU C 184 2.17 1.58 -29.74
C GLU C 184 2.11 2.06 -28.29
N ASN C 185 3.25 2.35 -27.66
CA ASN C 185 3.29 2.84 -26.27
C ASN C 185 2.71 1.77 -25.33
N ILE C 186 2.99 0.51 -25.66
CA ILE C 186 2.58 -0.66 -24.84
C ILE C 186 3.86 -1.38 -24.43
N TRP C 187 3.98 -1.69 -23.15
CA TRP C 187 5.26 -2.08 -22.52
C TRP C 187 5.10 -3.37 -21.71
N GLN C 188 3.91 -3.95 -21.71
CA GLN C 188 3.62 -5.23 -21.01
C GLN C 188 2.97 -6.19 -22.00
N ALA C 189 3.12 -7.49 -21.76
CA ALA C 189 2.44 -8.53 -22.53
C ALA C 189 2.02 -9.67 -21.60
N ILE C 190 1.06 -10.44 -22.08
CA ILE C 190 0.61 -11.71 -21.47
C ILE C 190 0.78 -12.80 -22.53
N TYR C 191 1.23 -13.96 -22.10
CA TYR C 191 1.44 -15.13 -22.98
C TYR C 191 1.33 -16.40 -22.13
N THR C 192 0.94 -17.48 -22.80
CA THR C 192 0.92 -18.83 -22.18
C THR C 192 1.86 -19.74 -22.94
N ALA C 193 2.38 -20.74 -22.26
CA ALA C 193 3.17 -21.82 -22.90
C ALA C 193 3.12 -23.09 -22.04
N GLY C 194 3.24 -24.23 -22.70
CA GLY C 194 3.38 -25.53 -22.02
C GLY C 194 4.76 -25.69 -21.42
N VAL C 195 5.76 -25.02 -21.96
CA VAL C 195 7.15 -25.11 -21.42
C VAL C 195 7.31 -24.16 -20.23
N TYR C 196 8.19 -24.56 -19.32
CA TYR C 196 8.59 -23.78 -18.13
C TYR C 196 9.68 -22.80 -18.53
N LEU C 197 9.37 -21.52 -18.40
CA LEU C 197 10.28 -20.40 -18.73
C LEU C 197 10.36 -19.47 -17.53
N PRO C 198 11.29 -18.50 -17.50
CA PRO C 198 11.28 -17.50 -16.43
C PRO C 198 10.19 -16.46 -16.66
N LYS C 199 9.22 -16.32 -15.73
CA LYS C 199 8.83 -17.25 -14.69
C LYS C 199 7.32 -17.16 -14.58
N PRO C 200 6.59 -18.28 -14.43
CA PRO C 200 5.13 -18.19 -14.44
C PRO C 200 4.56 -17.33 -13.30
N VAL C 201 3.51 -16.58 -13.63
N VAL C 201 3.52 -16.56 -13.62
CA VAL C 201 2.63 -15.91 -12.62
CA VAL C 201 2.66 -15.92 -12.58
C VAL C 201 1.57 -16.91 -12.14
C VAL C 201 1.63 -16.95 -12.10
N SER C 202 1.27 -17.93 -12.94
CA SER C 202 0.38 -19.04 -12.53
C SER C 202 0.62 -20.24 -13.42
N ASP C 203 0.20 -21.40 -12.92
CA ASP C 203 0.34 -22.68 -13.60
C ASP C 203 -1.00 -23.41 -13.50
N ALA C 204 -1.56 -23.85 -14.63
CA ALA C 204 -2.87 -24.52 -14.66
C ALA C 204 -2.73 -25.86 -15.38
N ARG C 205 -2.95 -26.95 -14.65
CA ARG C 205 -3.09 -28.30 -15.26
C ARG C 205 -4.28 -28.30 -16.21
N TYR C 206 -4.18 -29.07 -17.28
CA TYR C 206 -5.34 -29.31 -18.19
C TYR C 206 -5.96 -30.67 -17.86
N TYR C 207 -7.27 -30.72 -18.12
CA TYR C 207 -8.15 -31.88 -17.91
C TYR C 207 -9.00 -32.08 -19.17
N HIS C 208 -9.41 -33.32 -19.42
CA HIS C 208 -10.20 -33.65 -20.63
C HIS C 208 -11.39 -34.51 -20.20
N ARG C 209 -12.55 -34.25 -20.78
CA ARG C 209 -13.76 -35.10 -20.65
C ARG C 209 -13.97 -35.78 -21.98
N SER C 210 -13.73 -37.09 -22.05
CA SER C 210 -13.92 -37.90 -23.28
C SER C 210 -15.40 -37.91 -23.65
N ILE C 211 -15.72 -37.68 -24.93
CA ILE C 211 -17.12 -37.75 -25.45
C ILE C 211 -17.25 -38.94 -26.41
N ASN C 212 -16.53 -38.92 -27.54
N ASN C 212 -16.48 -38.91 -27.50
CA ASN C 212 -16.53 -40.03 -28.53
CA ASN C 212 -16.43 -39.99 -28.52
C ASN C 212 -15.47 -41.04 -28.07
C ASN C 212 -15.42 -41.02 -28.04
N VAL C 213 -15.81 -41.82 -27.03
CA VAL C 213 -14.88 -42.70 -26.29
C VAL C 213 -14.29 -43.73 -27.26
N LYS C 214 -15.11 -44.31 -28.14
CA LYS C 214 -14.64 -45.38 -29.07
C LYS C 214 -13.52 -44.83 -29.96
N LYS C 215 -13.72 -43.66 -30.58
CA LYS C 215 -12.70 -43.03 -31.45
C LYS C 215 -11.42 -42.79 -30.64
N LEU C 216 -11.53 -42.27 -29.41
CA LEU C 216 -10.37 -41.94 -28.56
C LEU C 216 -9.58 -43.22 -28.29
N ILE C 217 -10.25 -44.36 -28.10
CA ILE C 217 -9.56 -45.67 -27.95
C ILE C 217 -8.91 -46.03 -29.29
N GLU C 218 -9.64 -45.95 -30.41
CA GLU C 218 -9.14 -46.32 -31.76
C GLU C 218 -7.87 -45.53 -32.11
N ILE C 219 -7.77 -44.25 -31.71
CA ILE C 219 -6.64 -43.36 -32.08
C ILE C 219 -5.56 -43.34 -31.00
N GLY C 220 -5.80 -44.00 -29.85
CA GLY C 220 -4.90 -43.98 -28.67
C GLY C 220 -4.63 -42.56 -28.19
N PHE C 221 -5.54 -42.02 -27.38
CA PHE C 221 -5.53 -40.60 -26.91
C PHE C 221 -4.86 -40.53 -25.53
N LEU C 228 -6.93 -44.90 -20.56
CA LEU C 228 -8.37 -45.22 -20.76
C LEU C 228 -8.55 -46.74 -20.81
N THR C 229 -8.59 -47.40 -19.66
CA THR C 229 -8.83 -48.86 -19.55
C THR C 229 -10.29 -49.16 -19.86
N MET C 230 -10.60 -50.41 -20.17
CA MET C 230 -11.96 -50.85 -20.58
C MET C 230 -12.97 -50.46 -19.49
N SER C 231 -12.60 -50.63 -18.22
CA SER C 231 -13.46 -50.36 -17.02
C SER C 231 -13.83 -48.87 -16.96
N ARG C 232 -12.82 -47.99 -17.06
CA ARG C 232 -12.98 -46.51 -17.04
C ARG C 232 -13.84 -46.09 -18.25
N ALA C 233 -13.50 -46.55 -19.45
CA ALA C 233 -14.13 -46.14 -20.73
C ALA C 233 -15.65 -46.36 -20.68
N ILE C 234 -16.11 -47.51 -20.19
CA ILE C 234 -17.56 -47.88 -20.19
C ILE C 234 -18.37 -46.83 -19.42
N LYS C 235 -17.76 -46.19 -18.41
CA LYS C 235 -18.40 -45.19 -17.51
C LYS C 235 -18.62 -43.85 -18.24
N LEU C 236 -17.87 -43.60 -19.32
CA LEU C 236 -17.81 -42.26 -19.96
C LEU C 236 -18.82 -42.13 -21.11
N TYR C 237 -19.32 -43.23 -21.67
CA TYR C 237 -20.12 -43.20 -22.92
C TYR C 237 -21.43 -42.45 -22.67
N ARG C 238 -22.13 -42.75 -21.58
CA ARG C 238 -23.53 -42.29 -21.37
C ARG C 238 -23.54 -40.79 -21.00
N VAL C 239 -24.27 -40.01 -21.79
CA VAL C 239 -24.52 -38.57 -21.54
C VAL C 239 -26.01 -38.34 -21.79
N GLU C 240 -26.76 -37.89 -20.79
CA GLU C 240 -28.21 -37.64 -20.97
C GLU C 240 -28.36 -36.42 -21.88
N ASP C 241 -29.12 -36.57 -22.96
CA ASP C 241 -29.30 -35.52 -23.98
C ASP C 241 -30.36 -34.51 -23.53
N THR C 242 -30.29 -34.08 -22.28
CA THR C 242 -31.23 -33.07 -21.71
C THR C 242 -30.43 -32.08 -20.87
N LEU C 243 -30.60 -30.80 -21.17
CA LEU C 243 -29.95 -29.68 -20.45
C LEU C 243 -30.52 -29.55 -19.03
N ASN C 244 -29.65 -29.21 -18.09
CA ASN C 244 -30.04 -28.77 -16.73
C ASN C 244 -30.73 -27.42 -16.83
N ILE C 245 -30.24 -26.56 -17.70
CA ILE C 245 -30.73 -25.16 -17.89
C ILE C 245 -31.44 -25.17 -19.25
N LYS C 246 -32.75 -25.41 -19.23
CA LYS C 246 -33.51 -25.85 -20.44
C LYS C 246 -33.41 -24.81 -21.56
N ASN C 247 -33.30 -23.52 -21.23
CA ASN C 247 -33.42 -22.44 -22.25
C ASN C 247 -32.06 -21.99 -22.78
N MET C 248 -30.95 -22.69 -22.46
CA MET C 248 -29.61 -22.36 -23.01
C MET C 248 -29.71 -22.33 -24.53
N ARG C 249 -29.36 -21.20 -25.15
CA ARG C 249 -29.50 -21.03 -26.61
C ARG C 249 -28.31 -20.25 -27.17
N LEU C 250 -28.08 -20.38 -28.46
CA LEU C 250 -26.98 -19.65 -29.10
C LEU C 250 -27.16 -18.14 -28.87
N MET C 251 -26.06 -17.48 -28.54
CA MET C 251 -26.01 -16.04 -28.27
C MET C 251 -26.29 -15.28 -29.59
N LYS C 252 -27.02 -14.18 -29.46
CA LYS C 252 -27.37 -13.27 -30.57
C LYS C 252 -26.83 -11.88 -30.27
N LYS C 253 -26.80 -11.02 -31.29
CA LYS C 253 -26.32 -9.63 -31.14
C LYS C 253 -27.08 -8.93 -30.01
N LYS C 254 -28.39 -9.19 -29.84
CA LYS C 254 -29.23 -8.53 -28.81
C LYS C 254 -28.73 -8.90 -27.40
N ASP C 255 -27.94 -9.97 -27.25
CA ASP C 255 -27.45 -10.47 -25.94
C ASP C 255 -26.12 -9.82 -25.53
N VAL C 256 -25.46 -9.04 -26.38
CA VAL C 256 -24.10 -8.51 -26.11
C VAL C 256 -24.08 -7.71 -24.80
N GLU C 257 -25.04 -6.81 -24.59
CA GLU C 257 -25.05 -5.96 -23.37
C GLU C 257 -25.16 -6.85 -22.12
N GLY C 258 -26.06 -7.83 -22.15
CA GLY C 258 -26.29 -8.75 -21.02
C GLY C 258 -25.08 -9.62 -20.73
N VAL C 259 -24.42 -10.16 -21.76
CA VAL C 259 -23.17 -10.96 -21.57
C VAL C 259 -22.06 -10.05 -21.01
N HIS C 260 -21.94 -8.83 -21.53
CA HIS C 260 -20.96 -7.84 -21.03
C HIS C 260 -21.16 -7.63 -19.52
N LYS C 261 -22.39 -7.40 -19.06
CA LYS C 261 -22.66 -7.18 -17.62
C LYS C 261 -22.35 -8.46 -16.84
N LEU C 262 -22.81 -9.61 -17.33
CA LEU C 262 -22.68 -10.89 -16.58
C LEU C 262 -21.20 -11.25 -16.44
N LEU C 263 -20.50 -11.32 -17.56
CA LEU C 263 -19.08 -11.77 -17.57
C LEU C 263 -18.20 -10.69 -16.94
N GLY C 264 -18.44 -9.42 -17.28
CA GLY C 264 -17.62 -8.30 -16.80
C GLY C 264 -17.64 -8.22 -15.27
N SER C 265 -18.80 -8.42 -14.64
CA SER C 265 -18.95 -8.41 -13.17
C SER C 265 -18.25 -9.65 -12.59
N TYR C 266 -18.47 -10.81 -13.20
CA TYR C 266 -17.92 -12.09 -12.73
C TYR C 266 -16.39 -12.01 -12.65
N LEU C 267 -15.75 -11.46 -13.67
CA LEU C 267 -14.28 -11.58 -13.80
C LEU C 267 -13.56 -10.71 -12.78
N GLU C 268 -14.22 -9.71 -12.19
CA GLU C 268 -13.56 -8.75 -11.26
C GLU C 268 -13.00 -9.47 -10.03
N GLN C 269 -13.48 -10.66 -9.69
CA GLN C 269 -13.02 -11.40 -8.49
C GLN C 269 -11.60 -11.96 -8.67
N PHE C 270 -11.08 -12.02 -9.91
CA PHE C 270 -9.84 -12.78 -10.20
C PHE C 270 -8.62 -11.86 -10.13
N ASN C 271 -7.45 -12.49 -9.97
CA ASN C 271 -6.14 -11.81 -9.88
C ASN C 271 -5.61 -11.47 -11.28
N LEU C 272 -6.16 -12.07 -12.32
CA LEU C 272 -5.68 -11.87 -13.71
C LEU C 272 -6.86 -12.07 -14.65
N TYR C 273 -7.27 -11.04 -15.37
CA TYR C 273 -8.40 -11.13 -16.33
C TYR C 273 -8.32 -10.01 -17.37
N ALA C 274 -8.95 -10.24 -18.53
CA ALA C 274 -9.16 -9.19 -19.53
C ALA C 274 -10.34 -8.33 -19.10
N VAL C 275 -10.18 -7.02 -19.22
CA VAL C 275 -11.28 -6.06 -18.96
C VAL C 275 -11.97 -5.82 -20.30
N PHE C 276 -13.00 -6.58 -20.61
CA PHE C 276 -13.64 -6.57 -21.95
C PHE C 276 -14.50 -5.31 -22.12
N THR C 277 -14.36 -4.66 -23.27
CA THR C 277 -15.33 -3.64 -23.74
C THR C 277 -16.52 -4.37 -24.38
N LYS C 278 -17.60 -3.63 -24.63
CA LYS C 278 -18.78 -4.17 -25.35
C LYS C 278 -18.37 -4.70 -26.74
N GLU C 279 -17.52 -3.97 -27.46
N GLU C 279 -17.57 -3.91 -27.47
CA GLU C 279 -17.08 -4.37 -28.81
CA GLU C 279 -16.95 -4.28 -28.76
C GLU C 279 -16.22 -5.65 -28.69
C GLU C 279 -16.27 -5.64 -28.66
N GLU C 280 -15.48 -5.81 -27.60
CA GLU C 280 -14.70 -7.05 -27.39
C GLU C 280 -15.63 -8.22 -27.05
N ILE C 281 -16.68 -8.00 -26.26
CA ILE C 281 -17.68 -9.08 -26.00
C ILE C 281 -18.27 -9.55 -27.33
N ALA C 282 -18.68 -8.63 -28.20
CA ALA C 282 -19.30 -8.99 -29.49
C ALA C 282 -18.32 -9.84 -30.30
N HIS C 283 -17.06 -9.42 -30.38
CA HIS C 283 -16.04 -10.17 -31.17
C HIS C 283 -15.78 -11.56 -30.56
N TRP C 284 -15.49 -11.63 -29.27
CA TRP C 284 -14.96 -12.87 -28.65
C TRP C 284 -16.07 -13.88 -28.41
N PHE C 285 -17.36 -13.47 -28.39
CA PHE C 285 -18.44 -14.41 -27.99
C PHE C 285 -19.49 -14.67 -29.08
N LEU C 286 -19.75 -13.75 -30.00
CA LEU C 286 -20.84 -14.04 -30.98
C LEU C 286 -20.44 -15.26 -31.80
N PRO C 287 -21.33 -16.26 -31.90
CA PRO C 287 -20.94 -17.55 -32.42
C PRO C 287 -20.52 -17.54 -33.90
N ILE C 288 -19.49 -18.35 -34.16
CA ILE C 288 -18.96 -18.64 -35.52
C ILE C 288 -18.80 -20.15 -35.57
N GLU C 289 -19.55 -20.82 -36.46
CA GLU C 289 -19.54 -22.30 -36.57
C GLU C 289 -18.08 -22.78 -36.72
N ASN C 290 -17.71 -23.80 -35.95
CA ASN C 290 -16.37 -24.44 -35.95
C ASN C 290 -15.27 -23.47 -35.50
N VAL C 291 -15.64 -22.42 -34.76
CA VAL C 291 -14.65 -21.48 -34.16
C VAL C 291 -15.03 -21.22 -32.70
N ILE C 292 -16.15 -20.54 -32.48
CA ILE C 292 -16.56 -20.09 -31.12
C ILE C 292 -18.05 -20.37 -30.95
N TYR C 293 -18.38 -21.01 -29.81
CA TYR C 293 -19.76 -21.37 -29.43
C TYR C 293 -20.05 -20.67 -28.11
N THR C 294 -21.07 -19.83 -28.08
CA THR C 294 -21.56 -19.19 -26.84
C THR C 294 -23.05 -19.45 -26.71
N TYR C 295 -23.48 -19.93 -25.55
CA TYR C 295 -24.88 -20.18 -25.21
C TYR C 295 -25.23 -19.33 -24.01
N VAL C 296 -26.45 -18.79 -24.00
CA VAL C 296 -26.95 -17.91 -22.90
C VAL C 296 -28.27 -18.46 -22.39
N ASN C 297 -28.57 -18.14 -21.13
CA ASN C 297 -29.90 -18.37 -20.53
C ASN C 297 -30.51 -17.00 -20.22
N GLU C 298 -31.55 -16.62 -20.96
CA GLU C 298 -32.25 -15.32 -20.77
C GLU C 298 -33.48 -15.58 -19.91
N GLU C 299 -33.62 -14.83 -18.82
CA GLU C 299 -34.73 -14.98 -17.86
C GLU C 299 -35.23 -13.58 -17.53
N ASN C 300 -36.48 -13.28 -17.87
CA ASN C 300 -37.11 -12.02 -17.39
C ASN C 300 -36.26 -10.85 -17.89
N GLY C 301 -35.82 -10.87 -19.16
CA GLY C 301 -35.12 -9.77 -19.85
C GLY C 301 -33.61 -9.75 -19.65
N LYS C 302 -33.08 -10.61 -18.77
CA LYS C 302 -31.67 -10.56 -18.30
C LYS C 302 -30.91 -11.83 -18.70
N ILE C 303 -29.65 -11.68 -19.10
CA ILE C 303 -28.73 -12.82 -19.30
C ILE C 303 -28.22 -13.27 -17.93
N LYS C 304 -28.64 -14.44 -17.45
CA LYS C 304 -28.33 -14.91 -16.08
C LYS C 304 -27.26 -16.01 -16.07
N ASP C 305 -27.04 -16.68 -17.20
CA ASP C 305 -26.04 -17.78 -17.28
C ASP C 305 -25.45 -17.79 -18.68
N MET C 306 -24.19 -18.20 -18.79
CA MET C 306 -23.55 -18.34 -20.12
C MET C 306 -22.58 -19.53 -20.11
N ILE C 307 -22.44 -20.15 -21.28
CA ILE C 307 -21.46 -21.21 -21.57
C ILE C 307 -20.70 -20.78 -22.81
N SER C 308 -19.38 -20.96 -22.85
CA SER C 308 -18.66 -20.77 -24.12
C SER C 308 -17.48 -21.74 -24.22
N PHE C 309 -17.19 -22.14 -25.45
CA PHE C 309 -16.05 -23.02 -25.75
C PHE C 309 -15.64 -22.74 -27.21
N TYR C 310 -14.35 -22.89 -27.48
CA TYR C 310 -13.82 -22.70 -28.84
C TYR C 310 -13.38 -24.04 -29.41
N SER C 311 -13.29 -24.07 -30.74
CA SER C 311 -12.98 -25.30 -31.52
C SER C 311 -11.50 -25.29 -31.88
N LEU C 312 -10.76 -26.29 -31.43
CA LEU C 312 -9.32 -26.45 -31.75
C LEU C 312 -9.05 -27.92 -32.06
N PRO C 313 -9.19 -28.32 -33.34
CA PRO C 313 -8.83 -29.67 -33.75
C PRO C 313 -7.33 -29.91 -33.54
N SER C 314 -6.98 -31.18 -33.35
CA SER C 314 -5.58 -31.68 -33.46
C SER C 314 -5.51 -32.63 -34.65
N GLN C 315 -4.49 -32.49 -35.47
CA GLN C 315 -4.14 -33.51 -36.48
C GLN C 315 -3.64 -34.75 -35.74
N ILE C 316 -4.12 -35.93 -36.12
CA ILE C 316 -3.67 -37.21 -35.53
C ILE C 316 -2.54 -37.73 -36.41
N LEU C 317 -1.31 -37.68 -35.90
CA LEU C 317 -0.08 -37.97 -36.68
C LEU C 317 0.04 -39.49 -36.75
N GLY C 318 0.20 -40.03 -37.97
CA GLY C 318 0.49 -41.46 -38.17
C GLY C 318 -0.61 -42.41 -37.70
N ASN C 319 -1.80 -41.90 -37.35
CA ASN C 319 -3.06 -42.69 -37.46
C ASN C 319 -3.56 -42.52 -38.89
N ASP C 320 -3.88 -43.62 -39.56
CA ASP C 320 -4.08 -43.68 -41.03
C ASP C 320 -5.58 -43.87 -41.35
N LYS C 321 -6.47 -43.52 -40.40
CA LYS C 321 -7.95 -43.71 -40.50
C LYS C 321 -8.68 -42.36 -40.29
N TYR C 322 -8.43 -41.73 -39.14
CA TYR C 322 -8.98 -40.39 -38.76
C TYR C 322 -7.90 -39.33 -38.96
N SER C 323 -8.25 -38.27 -39.66
CA SER C 323 -7.36 -37.11 -39.95
C SER C 323 -7.27 -36.20 -38.71
N THR C 324 -8.38 -35.97 -38.00
CA THR C 324 -8.37 -35.00 -36.86
C THR C 324 -9.13 -35.55 -35.65
N LEU C 325 -8.69 -35.10 -34.47
CA LEU C 325 -9.46 -35.08 -33.20
C LEU C 325 -10.20 -33.74 -33.14
N ASN C 326 -11.53 -33.75 -33.12
CA ASN C 326 -12.41 -32.55 -33.06
C ASN C 326 -12.55 -32.21 -31.57
N ALA C 327 -11.90 -31.14 -31.09
CA ALA C 327 -11.83 -30.87 -29.64
C ALA C 327 -12.41 -29.49 -29.34
N ALA C 328 -13.20 -29.41 -28.27
CA ALA C 328 -13.72 -28.15 -27.71
C ALA C 328 -12.88 -27.78 -26.49
N TYR C 329 -12.61 -26.49 -26.31
CA TYR C 329 -11.88 -25.95 -25.16
C TYR C 329 -12.78 -24.96 -24.43
N SER C 330 -12.99 -25.21 -23.13
CA SER C 330 -13.73 -24.33 -22.19
C SER C 330 -13.15 -22.91 -22.28
N PHE C 331 -14.03 -21.92 -22.43
CA PHE C 331 -13.62 -20.50 -22.57
C PHE C 331 -14.10 -19.75 -21.33
N TYR C 332 -15.30 -19.18 -21.36
CA TYR C 332 -15.88 -18.51 -20.15
C TYR C 332 -17.28 -19.05 -19.85
N ASN C 333 -17.48 -19.45 -18.59
CA ASN C 333 -18.74 -20.06 -18.11
C ASN C 333 -19.17 -19.36 -16.83
N VAL C 334 -20.40 -18.86 -16.74
CA VAL C 334 -20.91 -18.14 -15.55
C VAL C 334 -22.33 -18.63 -15.29
N THR C 335 -22.65 -18.96 -14.04
CA THR C 335 -24.03 -19.32 -13.64
C THR C 335 -24.44 -18.51 -12.42
N THR C 336 -25.63 -17.94 -12.49
CA THR C 336 -26.33 -17.33 -11.31
C THR C 336 -27.63 -18.07 -11.02
N THR C 337 -28.10 -19.01 -11.85
CA THR C 337 -29.40 -19.70 -11.59
C THR C 337 -29.21 -21.19 -11.30
N ALA C 338 -27.99 -21.71 -11.42
CA ALA C 338 -27.69 -23.14 -11.30
C ALA C 338 -26.40 -23.31 -10.52
N THR C 339 -26.02 -24.57 -10.23
CA THR C 339 -24.67 -24.88 -9.66
C THR C 339 -23.65 -24.86 -10.80
N PHE C 340 -22.40 -24.58 -10.49
CA PHE C 340 -21.33 -24.60 -11.51
C PHE C 340 -21.23 -26.01 -12.11
N LYS C 341 -21.45 -27.05 -11.30
CA LYS C 341 -21.45 -28.44 -11.81
C LYS C 341 -22.55 -28.60 -12.86
N GLN C 342 -23.78 -28.14 -12.59
CA GLN C 342 -24.90 -28.25 -13.55
C GLN C 342 -24.54 -27.49 -14.84
N LEU C 343 -23.96 -26.31 -14.71
CA LEU C 343 -23.56 -25.48 -15.87
C LEU C 343 -22.52 -26.26 -16.71
N MET C 344 -21.48 -26.82 -16.11
CA MET C 344 -20.38 -27.45 -16.91
C MET C 344 -20.89 -28.80 -17.46
N GLN C 345 -21.87 -29.43 -16.82
CA GLN C 345 -22.50 -30.65 -17.36
C GLN C 345 -23.19 -30.25 -18.67
N ASP C 346 -23.88 -29.11 -18.67
CA ASP C 346 -24.55 -28.59 -19.90
C ASP C 346 -23.49 -28.23 -20.95
N ALA C 347 -22.33 -27.69 -20.55
CA ALA C 347 -21.27 -27.34 -21.51
C ALA C 347 -20.78 -28.61 -22.22
N ILE C 348 -20.59 -29.70 -21.48
CA ILE C 348 -20.18 -31.00 -22.07
C ILE C 348 -21.26 -31.46 -23.05
N LEU C 349 -22.53 -31.39 -22.65
CA LEU C 349 -23.65 -31.84 -23.53
C LEU C 349 -23.66 -30.99 -24.80
N LEU C 350 -23.51 -29.67 -24.68
CA LEU C 350 -23.55 -28.79 -25.88
C LEU C 350 -22.36 -29.10 -26.78
N ALA C 351 -21.19 -29.41 -26.22
CA ALA C 351 -20.03 -29.86 -27.03
C ALA C 351 -20.40 -31.16 -27.75
N LYS C 352 -21.04 -32.11 -27.06
CA LYS C 352 -21.40 -33.41 -27.67
C LYS C 352 -22.38 -33.16 -28.82
N ARG C 353 -23.38 -32.31 -28.61
CA ARG C 353 -24.44 -32.00 -29.61
C ARG C 353 -23.79 -31.39 -30.86
N ASN C 354 -22.67 -30.69 -30.68
CA ASN C 354 -21.94 -30.00 -31.77
C ASN C 354 -20.80 -30.87 -32.32
N ASN C 355 -20.83 -32.18 -32.06
CA ASN C 355 -20.01 -33.18 -32.79
C ASN C 355 -18.56 -33.19 -32.29
N PHE C 356 -18.27 -32.66 -31.10
CA PHE C 356 -16.90 -32.69 -30.52
C PHE C 356 -16.61 -34.07 -29.92
N ASP C 357 -15.34 -34.50 -30.06
CA ASP C 357 -14.87 -35.84 -29.61
C ASP C 357 -14.48 -35.77 -28.13
N VAL C 358 -14.12 -34.58 -27.65
CA VAL C 358 -13.54 -34.38 -26.30
C VAL C 358 -13.79 -32.92 -25.91
N PHE C 359 -13.91 -32.68 -24.61
CA PHE C 359 -14.11 -31.34 -24.01
C PHE C 359 -12.95 -31.09 -23.04
N ASN C 360 -12.13 -30.10 -23.35
CA ASN C 360 -10.89 -29.81 -22.58
C ASN C 360 -11.10 -28.56 -21.71
N ALA C 361 -10.48 -28.53 -20.53
CA ALA C 361 -10.56 -27.35 -19.65
C ALA C 361 -9.30 -27.24 -18.78
N LEU C 362 -9.03 -26.05 -18.28
CA LEU C 362 -7.92 -25.77 -17.34
C LEU C 362 -8.48 -25.62 -15.93
N GLU C 363 -7.66 -25.84 -14.90
CA GLU C 363 -8.04 -25.60 -13.48
C GLU C 363 -8.01 -24.10 -13.17
N VAL C 364 -8.68 -23.27 -13.98
CA VAL C 364 -8.80 -21.81 -13.73
C VAL C 364 -10.25 -21.51 -13.32
N MET C 365 -10.48 -20.31 -12.79
CA MET C 365 -11.81 -19.85 -12.35
C MET C 365 -12.40 -20.93 -11.43
N GLN C 366 -13.63 -21.41 -11.67
CA GLN C 366 -14.33 -22.39 -10.79
C GLN C 366 -14.17 -23.82 -11.31
N ASN C 367 -13.32 -24.06 -12.31
CA ASN C 367 -13.35 -25.34 -13.06
C ASN C 367 -12.91 -26.52 -12.19
N LYS C 368 -11.87 -26.36 -11.36
CA LYS C 368 -11.30 -27.53 -10.64
C LYS C 368 -12.42 -28.24 -9.85
N SER C 369 -13.34 -27.46 -9.30
CA SER C 369 -14.44 -27.95 -8.40
C SER C 369 -15.31 -29.01 -9.09
N VAL C 370 -15.36 -29.09 -10.42
CA VAL C 370 -16.32 -29.97 -11.14
C VAL C 370 -15.62 -31.16 -11.79
N PHE C 371 -14.29 -31.21 -11.85
CA PHE C 371 -13.58 -32.20 -12.70
C PHE C 371 -13.84 -33.64 -12.21
N GLU C 372 -13.83 -33.89 -10.91
CA GLU C 372 -13.98 -35.28 -10.38
C GLU C 372 -15.41 -35.76 -10.68
N ASP C 373 -16.42 -34.98 -10.29
CA ASP C 373 -17.85 -35.37 -10.41
C ASP C 373 -18.23 -35.53 -11.89
N LEU C 374 -17.66 -34.74 -12.79
CA LEU C 374 -18.04 -34.77 -14.23
C LEU C 374 -17.07 -35.67 -15.01
N LYS C 375 -16.26 -36.46 -14.33
CA LYS C 375 -15.44 -37.57 -14.90
C LYS C 375 -14.39 -37.03 -15.87
N PHE C 376 -13.83 -35.85 -15.61
CA PHE C 376 -12.64 -35.35 -16.34
C PHE C 376 -11.42 -36.19 -15.92
N GLY C 377 -10.54 -36.50 -16.89
CA GLY C 377 -9.21 -37.06 -16.64
C GLY C 377 -8.14 -35.99 -16.61
N GLU C 378 -7.18 -36.11 -15.69
CA GLU C 378 -6.06 -35.15 -15.60
C GLU C 378 -5.17 -35.38 -16.81
N GLY C 379 -4.70 -34.32 -17.49
CA GLY C 379 -3.82 -34.44 -18.66
C GLY C 379 -2.36 -34.59 -18.27
N ASP C 380 -1.47 -34.62 -19.27
CA ASP C 380 -0.05 -34.97 -19.12
C ASP C 380 0.80 -33.77 -18.70
N GLY C 381 0.23 -32.57 -18.63
CA GLY C 381 1.04 -31.41 -18.27
C GLY C 381 0.21 -30.20 -17.89
N SER C 382 0.87 -29.05 -17.91
CA SER C 382 0.23 -27.80 -17.45
C SER C 382 0.53 -26.68 -18.45
N LEU C 383 -0.36 -25.70 -18.44
CA LEU C 383 -0.18 -24.43 -19.17
C LEU C 383 0.28 -23.38 -18.18
N LYS C 384 1.41 -22.76 -18.48
CA LYS C 384 2.00 -21.68 -17.66
C LYS C 384 1.55 -20.34 -18.21
N TYR C 385 1.17 -19.43 -17.31
CA TYR C 385 0.77 -18.04 -17.59
C TYR C 385 1.97 -17.14 -17.26
N TYR C 386 2.32 -16.26 -18.19
CA TYR C 386 3.46 -15.33 -18.07
C TYR C 386 3.03 -13.89 -18.31
N LEU C 387 3.70 -12.96 -17.63
CA LEU C 387 3.67 -11.52 -17.99
C LEU C 387 5.09 -11.09 -18.40
N TYR C 388 5.16 -10.17 -19.35
CA TYR C 388 6.42 -9.52 -19.77
C TYR C 388 6.47 -8.12 -19.14
N ASN C 389 7.60 -7.80 -18.52
CA ASN C 389 7.88 -6.49 -17.89
C ASN C 389 6.85 -6.22 -16.80
N TRP C 390 6.60 -7.22 -15.97
CA TRP C 390 5.71 -7.06 -14.79
C TRP C 390 6.19 -7.96 -13.65
N LYS C 391 6.36 -7.34 -12.50
CA LYS C 391 6.84 -7.93 -11.23
C LYS C 391 5.66 -8.02 -10.27
N CYS C 392 5.29 -9.21 -9.80
CA CYS C 392 4.16 -9.40 -8.86
C CYS C 392 4.25 -10.79 -8.24
N ALA C 393 3.51 -11.03 -7.16
CA ALA C 393 3.40 -12.37 -6.57
C ALA C 393 2.68 -13.31 -7.55
N SER C 394 3.17 -14.53 -7.63
CA SER C 394 2.49 -15.63 -8.36
C SER C 394 1.24 -16.03 -7.57
N PHE C 395 0.34 -16.77 -8.19
CA PHE C 395 -0.90 -17.23 -7.50
C PHE C 395 -1.37 -18.57 -8.05
N ALA C 396 -2.17 -19.25 -7.25
CA ALA C 396 -2.86 -20.50 -7.62
C ALA C 396 -3.79 -20.24 -8.79
N PRO C 397 -3.98 -21.23 -9.69
CA PRO C 397 -4.78 -21.02 -10.89
C PRO C 397 -6.28 -20.75 -10.64
N ALA C 398 -6.83 -21.04 -9.46
CA ALA C 398 -8.24 -20.66 -9.18
C ALA C 398 -8.37 -19.13 -9.22
N HIS C 399 -7.26 -18.37 -9.11
CA HIS C 399 -7.29 -16.89 -9.16
C HIS C 399 -7.06 -16.37 -10.58
N VAL C 400 -6.86 -17.27 -11.54
CA VAL C 400 -6.75 -16.91 -12.99
C VAL C 400 -8.15 -16.79 -13.57
N GLY C 401 -8.43 -15.65 -14.20
CA GLY C 401 -9.72 -15.34 -14.84
C GLY C 401 -9.58 -15.06 -16.32
N ILE C 402 -8.61 -15.69 -16.98
CA ILE C 402 -8.42 -15.47 -18.44
C ILE C 402 -8.01 -16.79 -19.09
N VAL C 403 -8.61 -17.09 -20.25
CA VAL C 403 -8.22 -18.24 -21.10
C VAL C 403 -7.71 -17.69 -22.44
N LEU C 404 -6.45 -17.92 -22.77
CA LEU C 404 -5.87 -17.54 -24.09
C LEU C 404 -6.17 -18.67 -25.08
N LEU C 405 -6.07 -18.37 -26.37
CA LEU C 405 -6.47 -19.34 -27.42
C LEU C 405 -5.37 -20.35 -27.68
#